data_9LGM
#
_entry.id   9LGM
#
_cell.length_a   1.00
_cell.length_b   1.00
_cell.length_c   1.00
_cell.angle_alpha   90.00
_cell.angle_beta   90.00
_cell.angle_gamma   90.00
#
_symmetry.space_group_name_H-M   'P 1'
#
loop_
_entity.id
_entity.type
_entity.pdbx_description
1 polymer 'Guanine nucleotide-binding protein G(s) subunit alpha isoforms short'
2 polymer 'Guanine nucleotide-binding protein G(I)/G(S)/G(T) subunit beta-1'
3 polymer 'Guanine nucleotide-binding protein G(I)/G(S)/G(O) subunit gamma-2'
4 polymer 'Nanobody 35'
5 polymer 'G-protein coupled receptor 4'
#
loop_
_entity_poly.entity_id
_entity_poly.type
_entity_poly.pdbx_seq_one_letter_code
_entity_poly.pdbx_strand_id
1 'polypeptide(L)'
;NSKTEDQRNEEKAQREANKKIEKQLQKDKQVYRATHRLLLLGADNSGKSTIVKQMRILHGGSGGSGGTSGIFETKFQVDK
VNFHMFDVGGQRDERRKWIQCFNDVTAIIFVVDSSDYNRLQEALNLFKSIWNNRWLRTISVILFLNKQDLLAEKVLAGKS
KIEDYFPEFARYTTPEDATPEPGEDPRVTRAKYFIRDEFLRISTASGDGRHYCYPHFTCAVDTENARRIFNDCRDIIQRM
HLRQYELL
;
A
2 'polypeptide(L)'
;IGRARGFSELDQLRQEAEQLKNQIRDARKACADATLSQITNNIDPVGRIQMRTRRTLRGHLAKIYAMHWGTDSRLLVSAS
QDGKLIIWDSYTTNKVHAIPLRSSWVMTCAYAPSGNYVACGGLDNICSIYNLKTREGNVRVSRELAGHTGYLSCCRFLDD
NQIVTSSGDTTCALWDIETGQQTTTFTGHTGDVMSLSLAPDTRLFVSGACDASAKLWDVREGMCRQTFTGHESDINAICF
FPNGNAFATGSDDATCRLFDLRADQELMTYSHDNIICGITSVSFSKSGRLLLAGYDDFNCNVWDALKADRAGVLAGHDNR
VSCLGVTDDGMAVATGSWDSFLKIWN
;
B
3 'polypeptide(L)' MASNNTASIAQARKLVEQLKMEANIDRIKVSKAAADLMAYCEAHAKEDPLLTPVPASENPFREKKFFCAIL C
4 'polypeptide(L)'
;MKYLLPTAAAGLLLLAAQPAMAMQVQLQESGGGLVQPGGSLRLSCAASGFTFSNYKMNWVRQAPGKGLEWVSDISQSGAS
ISYTGSVKGRFTISRDNAKNTLYLQMNSLKPEDTAVYYCARCPAPFTRDCFDVTSTTYAYRGQGTQVTVSSHHHHHH
;
N
5 'polypeptide(L)'
;MGNHTWEGCHVDSRVDHLFPPSLYIFVIGVGLPTNCLALWAAYRQVQQRNELGVYLMNLSIADLLYICTLPLWVDYFLHH
DNWIHGPGSCKLFGFIFYTNIYISIAFLCCISVDRYLAVAHPLRFARLRRVKTAVAVSSVVWATELGANSAPLFHDELFR
DRYNHTFCFEKFPMEGWVAWMNLYRVFVGFLFPWALMLLSYRGILRAVRGSVSTERQEKAKIKRLALSLIAIVLVCFAPY
HVLLLSRSAIYLGRPWDCGFEERVFSAYHSSLAFTSLNCVADPILYCLVNEGARSDVAKALHNLLRFLASDKPQEMANAS
LTLETPLTSKRNSTAKAMTGSWAATPPSQGDQVQEFLEVLFQGPHHHHHHHHHH
;
R
#
# COMPACT_ATOMS: atom_id res chain seq x y z
N LYS A 3 9.75 -24.56 38.96
CA LYS A 3 8.83 -23.43 38.89
C LYS A 3 7.88 -23.57 37.70
N THR A 4 7.71 -24.80 37.23
CA THR A 4 6.83 -25.04 36.09
C THR A 4 5.38 -24.70 36.42
N GLU A 5 4.95 -25.02 37.64
CA GLU A 5 3.57 -24.71 38.04
C GLU A 5 3.32 -23.21 38.04
N ASP A 6 4.29 -22.43 38.52
CA ASP A 6 4.14 -20.98 38.51
C ASP A 6 4.13 -20.44 37.08
N GLN A 7 4.91 -21.03 36.19
CA GLN A 7 4.94 -20.57 34.80
C GLN A 7 3.64 -20.87 34.08
N ARG A 8 2.99 -21.98 34.40
CA ARG A 8 1.73 -22.32 33.75
C ARG A 8 0.65 -21.28 34.04
N ASN A 9 0.62 -20.76 35.27
CA ASN A 9 -0.37 -19.75 35.62
C ASN A 9 -0.18 -18.48 34.78
N GLU A 10 1.06 -18.03 34.64
CA GLU A 10 1.30 -16.84 33.83
C GLU A 10 1.05 -17.11 32.36
N GLU A 11 1.31 -18.33 31.90
CA GLU A 11 0.99 -18.67 30.51
C GLU A 11 -0.51 -18.61 30.26
N LYS A 12 -1.31 -19.15 31.17
CA LYS A 12 -2.76 -19.10 31.02
C LYS A 12 -3.27 -17.65 31.09
N ALA A 13 -2.71 -16.85 32.00
CA ALA A 13 -3.11 -15.44 32.07
C ALA A 13 -2.77 -14.71 30.79
N GLN A 14 -1.61 -15.00 30.21
CA GLN A 14 -1.22 -14.37 28.95
C GLN A 14 -2.14 -14.80 27.82
N ARG A 15 -2.55 -16.08 27.80
CA ARG A 15 -3.50 -16.54 26.81
C ARG A 15 -4.85 -15.82 26.96
N GLU A 16 -5.31 -15.64 28.20
CA GLU A 16 -6.57 -14.95 28.42
C GLU A 16 -6.49 -13.50 27.95
N ALA A 17 -5.36 -12.83 28.23
CA ALA A 17 -5.16 -11.48 27.73
C ALA A 17 -5.19 -11.45 26.20
N ASN A 18 -4.56 -12.46 25.57
CA ASN A 18 -4.56 -12.53 24.12
C ASN A 18 -5.97 -12.72 23.58
N LYS A 19 -6.78 -13.55 24.24
CA LYS A 19 -8.17 -13.72 23.81
C LYS A 19 -8.96 -12.41 23.91
N LYS A 20 -8.78 -11.68 25.01
CA LYS A 20 -9.49 -10.41 25.13
C LYS A 20 -9.06 -9.42 24.05
N ILE A 21 -7.75 -9.35 23.80
CA ILE A 21 -7.25 -8.47 22.74
C ILE A 21 -7.80 -8.89 21.39
N GLU A 22 -7.88 -10.21 21.14
CA GLU A 22 -8.41 -10.71 19.88
C GLU A 22 -9.87 -10.31 19.70
N LYS A 23 -10.68 -10.43 20.75
CA LYS A 23 -12.09 -10.06 20.64
C LYS A 23 -12.24 -8.58 20.36
N GLN A 24 -11.50 -7.73 21.09
CA GLN A 24 -11.58 -6.30 20.85
C GLN A 24 -11.10 -5.96 19.44
N LEU A 25 -10.06 -6.65 18.97
CA LEU A 25 -9.54 -6.40 17.64
C LEU A 25 -10.51 -6.84 16.56
N GLN A 26 -11.26 -7.91 16.77
CA GLN A 26 -12.29 -8.29 15.81
C GLN A 26 -13.41 -7.26 15.75
N LYS A 27 -13.83 -6.74 16.91
CA LYS A 27 -14.85 -5.70 16.91
C LYS A 27 -14.36 -4.46 16.16
N ASP A 28 -13.14 -4.00 16.47
CA ASP A 28 -12.62 -2.83 15.79
C ASP A 28 -12.33 -3.15 14.32
N LYS A 29 -12.11 -4.42 14.01
CA LYS A 29 -11.95 -4.87 12.63
C LYS A 29 -13.23 -4.61 11.83
N GLN A 30 -14.36 -5.05 12.38
CA GLN A 30 -15.65 -4.81 11.73
C GLN A 30 -15.89 -3.32 11.57
N VAL A 31 -15.65 -2.56 12.65
CA VAL A 31 -15.85 -1.11 12.59
C VAL A 31 -14.93 -0.49 11.56
N TYR A 32 -13.73 -1.05 11.38
CA TYR A 32 -12.75 -0.48 10.47
C TYR A 32 -13.14 -0.70 9.02
N ARG A 33 -13.63 -1.91 8.68
CA ARG A 33 -14.16 -2.04 7.33
C ARG A 33 -15.39 -1.18 7.10
N ALA A 34 -16.28 -1.09 8.09
CA ALA A 34 -17.56 -0.40 7.88
C ALA A 34 -17.35 1.07 7.55
N THR A 35 -16.23 1.65 7.98
CA THR A 35 -15.96 3.07 7.74
C THR A 35 -14.98 3.23 6.59
N HIS A 36 -15.31 4.15 5.68
CA HIS A 36 -14.44 4.51 4.57
C HIS A 36 -13.70 5.79 4.90
N ARG A 37 -12.39 5.78 4.67
CA ARG A 37 -11.52 6.89 5.04
C ARG A 37 -11.28 7.77 3.82
N LEU A 38 -11.57 9.05 3.97
CA LEU A 38 -11.40 10.03 2.89
C LEU A 38 -10.38 11.07 3.31
N LEU A 39 -9.47 11.40 2.39
CA LEU A 39 -8.49 12.45 2.62
C LEU A 39 -8.92 13.70 1.86
N LEU A 40 -9.00 14.82 2.56
CA LEU A 40 -9.43 16.07 1.97
C LEU A 40 -8.19 16.90 1.66
N LEU A 41 -8.03 17.28 0.39
CA LEU A 41 -6.86 18.02 -0.06
C LEU A 41 -7.29 19.23 -0.88
N GLY A 42 -6.45 20.25 -0.86
CA GLY A 42 -6.72 21.46 -1.63
C GLY A 42 -5.82 22.59 -1.17
N ALA A 43 -6.09 23.76 -1.71
CA ALA A 43 -5.35 24.96 -1.37
C ALA A 43 -6.05 25.71 -0.25
N ASP A 44 -5.48 26.85 0.14
CA ASP A 44 -6.11 27.68 1.16
C ASP A 44 -7.45 28.24 0.69
N ASN A 45 -7.51 28.65 -0.57
CA ASN A 45 -8.73 29.22 -1.15
C ASN A 45 -9.60 28.16 -1.83
N SER A 46 -9.25 26.89 -1.70
CA SER A 46 -10.01 25.84 -2.38
C SER A 46 -11.43 25.72 -1.84
N GLY A 47 -11.62 25.95 -0.54
CA GLY A 47 -12.92 25.82 0.06
C GLY A 47 -13.20 24.47 0.68
N LYS A 48 -12.18 23.71 1.05
CA LYS A 48 -12.39 22.39 1.66
C LYS A 48 -13.20 22.50 2.94
N SER A 49 -12.98 23.56 3.72
CA SER A 49 -13.71 23.74 4.96
C SER A 49 -15.20 23.88 4.71
N THR A 50 -15.58 24.58 3.64
CA THR A 50 -16.99 24.74 3.32
C THR A 50 -17.65 23.40 3.02
N ILE A 51 -16.96 22.54 2.28
CA ILE A 51 -17.50 21.20 2.04
C ILE A 51 -17.37 20.35 3.29
N VAL A 52 -16.41 20.65 4.17
CA VAL A 52 -16.34 19.95 5.45
C VAL A 52 -17.49 20.38 6.34
N LYS A 53 -17.88 21.65 6.30
CA LYS A 53 -18.98 22.12 7.12
C LYS A 53 -20.33 21.72 6.55
N GLN A 54 -20.46 21.68 5.22
CA GLN A 54 -21.76 21.43 4.61
C GLN A 54 -22.20 19.98 4.78
N MET A 55 -21.28 19.07 5.08
CA MET A 55 -21.63 17.74 5.56
C MET A 55 -21.41 17.61 7.06
N ARG A 56 -21.19 18.73 7.75
CA ARG A 56 -21.19 18.75 9.20
C ARG A 56 -22.40 19.48 9.78
N ILE A 57 -23.07 20.30 8.98
CA ILE A 57 -24.26 21.00 9.42
C ILE A 57 -25.50 20.37 8.79
N LEU A 58 -25.34 19.82 7.59
CA LEU A 58 -26.43 19.15 6.88
C LEU A 58 -26.32 17.63 6.94
N HIS A 59 -25.38 17.10 7.71
CA HIS A 59 -25.19 15.65 7.82
C HIS A 59 -24.82 15.32 9.26
N GLY A 60 -24.32 14.11 9.47
CA GLY A 60 -24.02 13.67 10.82
C GLY A 60 -22.94 14.51 11.49
N GLY A 61 -21.87 14.79 10.77
CA GLY A 61 -20.77 15.57 11.31
C GLY A 61 -20.08 14.92 12.49
N SER A 69 -6.80 18.23 16.71
CA SER A 69 -6.67 19.65 16.49
C SER A 69 -6.00 19.94 15.15
N GLY A 70 -4.85 19.32 14.92
CA GLY A 70 -4.16 19.50 13.65
C GLY A 70 -4.89 18.85 12.48
N ILE A 71 -5.68 17.82 12.75
CA ILE A 71 -6.44 17.11 11.73
C ILE A 71 -7.92 17.37 11.98
N PHE A 72 -8.60 17.92 10.98
CA PHE A 72 -10.04 18.17 11.05
C PHE A 72 -10.78 16.94 10.55
N GLU A 73 -11.60 16.36 11.41
CA GLU A 73 -12.30 15.12 11.13
C GLU A 73 -13.80 15.36 11.14
N THR A 74 -14.48 14.93 10.08
CA THR A 74 -15.93 14.90 10.04
C THR A 74 -16.40 13.49 9.71
N LYS A 75 -17.22 12.93 10.59
CA LYS A 75 -17.78 11.59 10.41
C LYS A 75 -19.22 11.75 9.94
N PHE A 76 -19.42 11.68 8.63
CA PHE A 76 -20.74 11.79 8.05
C PHE A 76 -21.16 10.46 7.46
N GLN A 77 -22.45 10.17 7.55
CA GLN A 77 -23.02 8.91 7.09
C GLN A 77 -24.07 9.18 6.02
N VAL A 78 -23.95 8.47 4.90
CA VAL A 78 -24.91 8.58 3.80
C VAL A 78 -25.32 7.17 3.40
N ASP A 79 -26.64 6.94 3.32
CA ASP A 79 -27.20 5.64 2.98
C ASP A 79 -26.71 4.56 3.93
N LYS A 80 -26.69 4.91 5.22
CA LYS A 80 -26.26 4.02 6.31
C LYS A 80 -24.82 3.54 6.13
N VAL A 81 -24.01 4.29 5.40
CA VAL A 81 -22.62 3.96 5.17
C VAL A 81 -21.76 5.05 5.80
N ASN A 82 -20.81 4.64 6.64
CA ASN A 82 -20.01 5.58 7.41
C ASN A 82 -18.83 6.08 6.58
N PHE A 83 -18.55 7.37 6.69
CA PHE A 83 -17.44 7.99 5.98
C PHE A 83 -16.64 8.85 6.94
N HIS A 84 -15.31 8.77 6.82
CA HIS A 84 -14.40 9.52 7.67
C HIS A 84 -13.58 10.44 6.76
N MET A 85 -13.71 11.74 6.96
CA MET A 85 -12.93 12.71 6.20
C MET A 85 -11.83 13.30 7.06
N PHE A 86 -10.69 13.57 6.43
CA PHE A 86 -9.46 13.95 7.11
C PHE A 86 -8.89 15.19 6.44
N ASP A 87 -9.04 16.34 7.08
CA ASP A 87 -8.43 17.58 6.61
C ASP A 87 -7.17 17.81 7.43
N VAL A 88 -6.02 17.62 6.80
CA VAL A 88 -4.74 17.72 7.47
C VAL A 88 -4.25 19.17 7.33
N GLY A 89 -4.37 19.94 8.41
CA GLY A 89 -4.06 21.35 8.33
C GLY A 89 -3.11 21.86 9.40
N GLY A 90 -2.56 20.95 10.20
CA GLY A 90 -1.63 21.34 11.24
C GLY A 90 -0.19 21.12 10.88
N GLN A 91 0.11 21.00 9.58
CA GLN A 91 1.44 20.67 9.12
C GLN A 91 1.98 21.79 8.23
N ARG A 92 3.23 21.64 7.81
CA ARG A 92 3.90 22.63 6.98
C ARG A 92 3.49 22.47 5.53
N ASP A 93 4.11 23.27 4.67
CA ASP A 93 3.82 23.22 3.24
C ASP A 93 4.39 21.96 2.59
N GLU A 94 5.39 21.33 3.21
CA GLU A 94 5.88 20.05 2.72
C GLU A 94 4.88 18.94 2.99
N ARG A 95 4.62 18.12 1.96
CA ARG A 95 3.68 17.01 2.10
C ARG A 95 4.16 15.77 1.36
N ARG A 96 5.48 15.56 1.26
CA ARG A 96 6.01 14.36 0.63
C ARG A 96 6.20 13.21 1.61
N LYS A 97 6.02 13.45 2.90
CA LYS A 97 6.21 12.40 3.90
C LYS A 97 4.94 12.07 4.67
N TRP A 98 4.07 13.05 4.94
CA TRP A 98 2.83 12.75 5.62
C TRP A 98 1.70 12.39 4.67
N ILE A 99 1.89 12.57 3.36
CA ILE A 99 0.90 12.11 2.40
C ILE A 99 0.97 10.60 2.23
N GLN A 100 2.07 9.98 2.63
CA GLN A 100 2.21 8.53 2.49
C GLN A 100 1.40 7.78 3.54
N CYS A 101 0.89 8.48 4.56
CA CYS A 101 -0.03 7.83 5.49
C CYS A 101 -1.32 7.42 4.81
N PHE A 102 -1.74 8.15 3.79
CA PHE A 102 -3.03 7.94 3.15
C PHE A 102 -2.90 7.11 1.88
N ASN A 103 -2.31 5.92 2.01
CA ASN A 103 -2.27 4.96 0.93
C ASN A 103 -3.33 3.88 1.06
N ASP A 104 -4.09 3.88 2.15
CA ASP A 104 -5.19 2.94 2.33
C ASP A 104 -6.55 3.64 2.32
N VAL A 105 -6.56 4.95 2.06
CA VAL A 105 -7.82 5.68 2.03
C VAL A 105 -8.63 5.26 0.80
N THR A 106 -9.96 5.28 0.97
CA THR A 106 -10.83 4.92 -0.14
C THR A 106 -10.70 5.90 -1.30
N ALA A 107 -10.61 7.19 -0.99
CA ALA A 107 -10.51 8.21 -2.03
C ALA A 107 -9.85 9.44 -1.44
N ILE A 108 -9.39 10.32 -2.35
CA ILE A 108 -8.86 11.63 -1.98
C ILE A 108 -9.80 12.67 -2.56
N ILE A 109 -10.35 13.52 -1.69
CA ILE A 109 -11.23 14.60 -2.10
C ILE A 109 -10.37 15.82 -2.40
N PHE A 110 -10.03 16.00 -3.67
CA PHE A 110 -9.21 17.12 -4.10
C PHE A 110 -10.11 18.28 -4.46
N VAL A 111 -10.03 19.36 -3.69
CA VAL A 111 -10.86 20.54 -3.90
C VAL A 111 -10.04 21.61 -4.62
N VAL A 112 -10.61 22.17 -5.68
CA VAL A 112 -9.93 23.15 -6.51
C VAL A 112 -10.79 24.40 -6.58
N ASP A 113 -10.17 25.56 -6.39
CA ASP A 113 -10.80 26.85 -6.68
C ASP A 113 -10.79 27.04 -8.19
N SER A 114 -11.92 26.73 -8.83
CA SER A 114 -12.00 26.89 -10.27
C SER A 114 -11.87 28.33 -10.70
N SER A 115 -12.33 29.27 -9.86
CA SER A 115 -12.30 30.68 -10.24
C SER A 115 -10.88 31.23 -10.24
N ASP A 116 -10.08 30.86 -9.26
CA ASP A 116 -8.74 31.44 -9.09
C ASP A 116 -7.82 30.86 -10.14
N TYR A 117 -7.62 31.59 -11.23
CA TYR A 117 -6.77 31.11 -12.31
C TYR A 117 -5.29 31.18 -11.93
N ASN A 118 -4.93 32.06 -10.99
CA ASN A 118 -3.53 32.21 -10.62
C ASN A 118 -2.98 30.93 -10.00
N ARG A 119 -3.75 30.28 -9.14
CA ARG A 119 -3.31 29.09 -8.43
C ARG A 119 -3.86 27.81 -9.03
N LEU A 120 -4.39 27.87 -10.26
CA LEU A 120 -4.84 26.66 -10.93
C LEU A 120 -3.66 25.74 -11.26
N GLN A 121 -2.57 26.31 -11.76
CA GLN A 121 -1.39 25.51 -12.05
C GLN A 121 -0.83 24.86 -10.80
N GLU A 122 -0.85 25.58 -9.67
CA GLU A 122 -0.44 24.99 -8.41
C GLU A 122 -1.31 23.78 -8.07
N ALA A 123 -2.61 23.90 -8.28
CA ALA A 123 -3.50 22.76 -8.07
C ALA A 123 -3.22 21.64 -9.05
N LEU A 124 -2.94 21.99 -10.31
CA LEU A 124 -2.66 20.96 -11.31
C LEU A 124 -1.38 20.21 -11.00
N ASN A 125 -0.34 20.93 -10.60
CA ASN A 125 0.90 20.26 -10.18
C ASN A 125 0.68 19.43 -8.94
N LEU A 126 -0.14 19.92 -8.01
CA LEU A 126 -0.47 19.13 -6.82
C LEU A 126 -1.22 17.87 -7.20
N PHE A 127 -2.15 17.97 -8.16
CA PHE A 127 -2.89 16.80 -8.62
C PHE A 127 -1.97 15.78 -9.30
N LYS A 128 -1.00 16.26 -10.08
CA LYS A 128 -0.06 15.35 -10.72
C LYS A 128 0.71 14.54 -9.68
N SER A 129 1.15 15.19 -8.62
CA SER A 129 1.98 14.52 -7.62
C SER A 129 1.21 13.41 -6.92
N ILE A 130 -0.05 13.64 -6.57
CA ILE A 130 -0.86 12.57 -5.98
C ILE A 130 -1.04 11.45 -6.98
N TRP A 131 -1.37 11.80 -8.22
CA TRP A 131 -1.67 10.79 -9.23
C TRP A 131 -0.45 9.93 -9.53
N ASN A 132 0.73 10.54 -9.59
CA ASN A 132 1.94 9.85 -10.01
C ASN A 132 2.78 9.36 -8.84
N ASN A 133 2.33 9.54 -7.61
CA ASN A 133 3.08 9.09 -6.45
C ASN A 133 3.06 7.57 -6.36
N ARG A 134 4.18 7.00 -5.94
CA ARG A 134 4.29 5.55 -5.85
C ARG A 134 3.31 4.96 -4.85
N TRP A 135 3.04 5.68 -3.76
CA TRP A 135 2.18 5.18 -2.71
C TRP A 135 0.74 5.62 -2.85
N LEU A 136 0.43 6.49 -3.80
CA LEU A 136 -0.94 6.93 -4.04
C LEU A 136 -1.39 6.63 -5.47
N ARG A 137 -0.64 5.81 -6.20
CA ARG A 137 -0.95 5.51 -7.59
C ARG A 137 -2.10 4.52 -7.74
N THR A 138 -2.69 4.07 -6.64
CA THR A 138 -3.89 3.26 -6.68
C THR A 138 -5.04 3.86 -5.89
N ILE A 139 -4.92 5.10 -5.46
CA ILE A 139 -5.95 5.77 -4.67
C ILE A 139 -6.70 6.73 -5.59
N SER A 140 -7.99 6.47 -5.78
CA SER A 140 -8.80 7.31 -6.65
C SER A 140 -9.00 8.70 -6.05
N VAL A 141 -9.24 9.67 -6.91
CA VAL A 141 -9.38 11.07 -6.52
C VAL A 141 -10.79 11.53 -6.87
N ILE A 142 -11.52 12.01 -5.87
CA ILE A 142 -12.84 12.60 -6.11
C ILE A 142 -12.61 14.10 -6.27
N LEU A 143 -12.38 14.53 -7.51
CA LEU A 143 -12.07 15.92 -7.78
C LEU A 143 -13.30 16.79 -7.60
N PHE A 144 -13.14 17.89 -6.86
CA PHE A 144 -14.21 18.83 -6.58
C PHE A 144 -13.78 20.20 -7.10
N LEU A 145 -14.24 20.54 -8.31
CA LEU A 145 -13.99 21.86 -8.87
C LEU A 145 -14.94 22.83 -8.20
N ASN A 146 -14.48 23.44 -7.10
CA ASN A 146 -15.31 24.21 -6.20
C ASN A 146 -15.46 25.65 -6.68
N LYS A 147 -16.36 26.36 -6.02
CA LYS A 147 -16.61 27.78 -6.29
C LYS A 147 -16.93 28.01 -7.76
N GLN A 148 -17.95 27.29 -8.24
CA GLN A 148 -18.43 27.50 -9.60
C GLN A 148 -19.29 28.74 -9.71
N ASP A 149 -19.84 29.22 -8.58
CA ASP A 149 -20.55 30.50 -8.59
C ASP A 149 -19.59 31.64 -8.93
N LEU A 150 -18.38 31.60 -8.36
CA LEU A 150 -17.40 32.63 -8.66
C LEU A 150 -16.86 32.49 -10.09
N LEU A 151 -16.72 31.25 -10.57
CA LEU A 151 -16.26 31.04 -11.93
C LEU A 151 -17.25 31.61 -12.94
N ALA A 152 -18.55 31.42 -12.69
CA ALA A 152 -19.56 31.97 -13.59
C ALA A 152 -19.49 33.50 -13.62
N GLU A 153 -19.37 34.13 -12.45
CA GLU A 153 -19.28 35.58 -12.41
C GLU A 153 -18.02 36.08 -13.08
N LYS A 154 -16.90 35.40 -12.86
CA LYS A 154 -15.62 35.87 -13.40
C LYS A 154 -15.61 35.84 -14.93
N VAL A 155 -16.17 34.79 -15.53
CA VAL A 155 -16.18 34.69 -16.99
C VAL A 155 -17.12 35.72 -17.59
N LEU A 156 -18.29 35.92 -16.99
CA LEU A 156 -19.22 36.93 -17.51
C LEU A 156 -18.64 38.33 -17.37
N ALA A 157 -17.82 38.56 -16.34
CA ALA A 157 -17.18 39.86 -16.17
C ALA A 157 -16.25 40.17 -17.33
N GLY A 158 -15.42 39.19 -17.73
CA GLY A 158 -14.54 39.36 -18.86
C GLY A 158 -13.24 40.09 -18.56
N LYS A 159 -13.03 40.55 -17.33
CA LYS A 159 -11.81 41.27 -17.01
C LYS A 159 -10.60 40.35 -17.02
N SER A 160 -10.74 39.13 -16.49
CA SER A 160 -9.66 38.17 -16.42
C SER A 160 -9.92 37.04 -17.42
N LYS A 161 -8.91 36.71 -18.20
CA LYS A 161 -9.03 35.72 -19.26
C LYS A 161 -8.19 34.49 -18.92
N ILE A 162 -8.77 33.31 -19.13
CA ILE A 162 -8.04 32.06 -18.89
C ILE A 162 -6.90 31.89 -19.88
N GLU A 163 -6.98 32.56 -21.05
CA GLU A 163 -5.96 32.38 -22.07
C GLU A 163 -4.59 32.87 -21.58
N ASP A 164 -4.58 33.88 -20.71
CA ASP A 164 -3.31 34.37 -20.17
C ASP A 164 -2.62 33.30 -19.34
N TYR A 165 -3.38 32.59 -18.50
CA TYR A 165 -2.83 31.55 -17.67
C TYR A 165 -2.82 30.20 -18.35
N PHE A 166 -3.61 30.03 -19.41
CA PHE A 166 -3.67 28.77 -20.15
C PHE A 166 -3.87 29.09 -21.62
N PRO A 167 -2.76 29.27 -22.37
CA PRO A 167 -2.89 29.69 -23.77
C PRO A 167 -3.62 28.70 -24.66
N GLU A 168 -3.70 27.43 -24.27
CA GLU A 168 -4.40 26.44 -25.09
C GLU A 168 -5.91 26.59 -25.03
N PHE A 169 -6.42 27.49 -24.18
CA PHE A 169 -7.86 27.69 -24.08
C PHE A 169 -8.44 28.26 -25.36
N ALA A 170 -7.66 29.08 -26.08
CA ALA A 170 -8.17 29.75 -27.27
C ALA A 170 -8.56 28.77 -28.37
N ARG A 171 -8.01 27.56 -28.36
CA ARG A 171 -8.30 26.54 -29.36
C ARG A 171 -9.13 25.40 -28.77
N TYR A 172 -9.75 25.63 -27.61
CA TYR A 172 -10.52 24.62 -26.92
C TYR A 172 -12.00 24.80 -27.22
N THR A 173 -12.68 23.69 -27.49
CA THR A 173 -14.10 23.68 -27.76
C THR A 173 -14.79 22.76 -26.76
N THR A 174 -15.98 23.16 -26.32
CA THR A 174 -16.70 22.41 -25.32
C THR A 174 -17.04 21.01 -25.84
N PRO A 175 -16.77 19.95 -25.10
CA PRO A 175 -17.04 18.60 -25.60
C PRO A 175 -18.54 18.33 -25.73
N GLU A 176 -18.87 17.39 -26.60
CA GLU A 176 -20.26 17.02 -26.80
C GLU A 176 -20.85 16.37 -25.55
N ASP A 177 -20.00 15.73 -24.73
CA ASP A 177 -20.46 15.08 -23.51
C ASP A 177 -20.90 16.07 -22.44
N ALA A 178 -20.63 17.37 -22.63
CA ALA A 178 -20.96 18.37 -21.62
C ALA A 178 -22.47 18.46 -21.43
N THR A 179 -22.87 18.72 -20.19
CA THR A 179 -24.28 18.87 -19.81
C THR A 179 -24.45 20.23 -19.15
N PRO A 180 -24.53 21.32 -19.91
CA PRO A 180 -24.66 22.63 -19.29
C PRO A 180 -25.97 22.77 -18.54
N GLU A 181 -25.95 23.61 -17.51
CA GLU A 181 -27.15 23.88 -16.72
C GLU A 181 -28.17 24.62 -17.58
N PRO A 182 -29.45 24.55 -17.23
CA PRO A 182 -30.48 25.17 -18.07
C PRO A 182 -30.27 26.66 -18.33
N GLY A 183 -29.80 27.41 -17.34
CA GLY A 183 -29.55 28.82 -17.53
C GLY A 183 -28.08 29.17 -17.57
N GLU A 184 -27.28 28.29 -18.17
CA GLU A 184 -25.83 28.44 -18.15
C GLU A 184 -25.36 29.13 -19.42
N ASP A 185 -24.46 30.09 -19.26
CA ASP A 185 -23.87 30.76 -20.41
C ASP A 185 -22.90 29.82 -21.11
N PRO A 186 -22.83 29.82 -22.44
CA PRO A 186 -21.82 28.99 -23.12
C PRO A 186 -20.39 29.33 -22.74
N ARG A 187 -20.12 30.59 -22.37
CA ARG A 187 -18.77 30.94 -21.95
C ARG A 187 -18.39 30.25 -20.66
N VAL A 188 -19.32 30.16 -19.71
CA VAL A 188 -19.05 29.44 -18.46
C VAL A 188 -18.83 27.96 -18.73
N THR A 189 -19.65 27.38 -19.62
CA THR A 189 -19.54 25.95 -19.89
C THR A 189 -18.19 25.61 -20.49
N ARG A 190 -17.71 26.43 -21.43
CA ARG A 190 -16.37 26.21 -22.00
C ARG A 190 -15.30 26.39 -20.93
N ALA A 191 -15.43 27.41 -20.08
CA ALA A 191 -14.49 27.61 -19.00
C ALA A 191 -14.56 26.47 -17.99
N LYS A 192 -15.79 26.03 -17.67
CA LYS A 192 -15.96 24.96 -16.69
C LYS A 192 -15.25 23.69 -17.11
N TYR A 193 -15.47 23.27 -18.35
CA TYR A 193 -14.96 21.98 -18.79
C TYR A 193 -13.49 22.05 -19.20
N PHE A 194 -12.97 23.26 -19.42
CA PHE A 194 -11.53 23.40 -19.63
C PHE A 194 -10.77 23.05 -18.36
N ILE A 195 -11.24 23.57 -17.22
CA ILE A 195 -10.57 23.27 -15.96
C ILE A 195 -10.64 21.79 -15.66
N ARG A 196 -11.80 21.18 -15.90
CA ARG A 196 -11.95 19.74 -15.67
C ARG A 196 -11.01 18.94 -16.57
N ASP A 197 -10.89 19.34 -17.83
CA ASP A 197 -10.06 18.58 -18.77
C ASP A 197 -8.57 18.67 -18.45
N GLU A 198 -8.12 19.74 -17.79
CA GLU A 198 -6.73 19.77 -17.34
C GLU A 198 -6.46 18.70 -16.31
N PHE A 199 -7.37 18.52 -15.36
CA PHE A 199 -7.21 17.49 -14.36
C PHE A 199 -7.42 16.10 -14.96
N LEU A 200 -8.39 15.96 -15.85
CA LEU A 200 -8.63 14.66 -16.48
C LEU A 200 -7.48 14.28 -17.41
N ARG A 201 -6.85 15.26 -18.06
CA ARG A 201 -5.68 14.96 -18.88
C ARG A 201 -4.55 14.39 -18.03
N ILE A 202 -4.37 14.94 -16.82
CA ILE A 202 -3.40 14.37 -15.89
C ILE A 202 -3.83 12.97 -15.48
N SER A 203 -5.12 12.80 -15.17
CA SER A 203 -5.61 11.51 -14.70
C SER A 203 -5.52 10.44 -15.77
N THR A 204 -5.87 10.78 -17.01
CA THR A 204 -5.85 9.81 -18.09
C THR A 204 -4.45 9.55 -18.62
N ALA A 205 -3.46 10.35 -18.22
CA ALA A 205 -2.10 10.16 -18.71
C ALA A 205 -1.48 8.88 -18.16
N SER A 206 -1.74 8.57 -16.89
CA SER A 206 -1.16 7.41 -16.24
C SER A 206 -2.22 6.77 -15.36
N GLY A 207 -1.78 5.86 -14.48
CA GLY A 207 -2.66 5.21 -13.54
C GLY A 207 -3.27 3.92 -14.02
N ASP A 208 -3.12 3.58 -15.31
CA ASP A 208 -3.69 2.37 -15.88
C ASP A 208 -5.18 2.27 -15.59
N GLY A 209 -5.59 1.17 -14.97
CA GLY A 209 -6.96 1.00 -14.56
C GLY A 209 -7.11 0.97 -13.05
N ARG A 210 -5.98 1.09 -12.35
CA ARG A 210 -5.95 1.06 -10.90
C ARG A 210 -6.26 2.40 -10.27
N HIS A 211 -6.86 3.31 -11.02
CA HIS A 211 -6.90 4.72 -10.62
C HIS A 211 -7.96 5.41 -11.46
N TYR A 212 -8.86 6.15 -10.81
CA TYR A 212 -9.84 6.94 -11.53
C TYR A 212 -10.04 8.29 -10.83
N CYS A 213 -10.38 9.30 -11.63
CA CYS A 213 -10.68 10.63 -11.13
C CYS A 213 -12.13 10.95 -11.45
N TYR A 214 -12.89 11.32 -10.42
CA TYR A 214 -14.30 11.67 -10.58
C TYR A 214 -14.46 13.16 -10.47
N PRO A 215 -14.66 13.87 -11.57
CA PRO A 215 -14.77 15.33 -11.49
C PRO A 215 -16.21 15.78 -11.25
N HIS A 216 -16.40 16.62 -10.23
CA HIS A 216 -17.71 17.17 -9.92
C HIS A 216 -17.59 18.67 -9.76
N PHE A 217 -18.61 19.40 -10.21
CA PHE A 217 -18.66 20.84 -10.07
C PHE A 217 -19.45 21.18 -8.80
N THR A 218 -18.86 22.02 -7.96
CA THR A 218 -19.41 22.31 -6.65
C THR A 218 -19.43 23.80 -6.38
N CYS A 219 -20.33 24.21 -5.49
CA CYS A 219 -20.41 25.56 -4.97
C CYS A 219 -20.49 25.49 -3.45
N ALA A 220 -20.51 26.66 -2.82
CA ALA A 220 -20.67 26.70 -1.37
C ALA A 220 -22.07 26.26 -0.96
N VAL A 221 -23.09 26.61 -1.75
CA VAL A 221 -24.47 26.23 -1.45
C VAL A 221 -24.78 24.80 -1.85
N ASP A 222 -23.87 24.12 -2.55
CA ASP A 222 -24.12 22.75 -2.98
C ASP A 222 -24.28 21.83 -1.77
N THR A 223 -25.35 21.03 -1.79
CA THR A 223 -25.69 20.16 -0.68
C THR A 223 -25.68 18.69 -1.06
N GLU A 224 -25.19 18.36 -2.27
CA GLU A 224 -25.19 17.00 -2.76
C GLU A 224 -23.81 16.35 -2.74
N ASN A 225 -22.82 17.02 -2.13
CA ASN A 225 -21.46 16.50 -2.16
C ASN A 225 -21.32 15.21 -1.38
N ALA A 226 -22.05 15.09 -0.26
CA ALA A 226 -22.04 13.83 0.48
C ALA A 226 -22.55 12.68 -0.36
N ARG A 227 -23.60 12.93 -1.14
CA ARG A 227 -24.12 11.92 -2.05
C ARG A 227 -23.10 11.60 -3.15
N ARG A 228 -22.43 12.63 -3.67
CA ARG A 228 -21.44 12.41 -4.74
C ARG A 228 -20.30 11.53 -4.25
N ILE A 229 -19.79 11.81 -3.05
CA ILE A 229 -18.70 11.01 -2.49
C ILE A 229 -19.18 9.57 -2.29
N PHE A 230 -20.43 9.39 -1.87
CA PHE A 230 -20.97 8.05 -1.70
C PHE A 230 -20.99 7.30 -3.02
N ASN A 231 -21.49 7.94 -4.08
CA ASN A 231 -21.58 7.27 -5.38
C ASN A 231 -20.19 6.96 -5.92
N ASP A 232 -19.25 7.88 -5.79
CA ASP A 232 -17.90 7.64 -6.26
C ASP A 232 -17.22 6.55 -5.44
N CYS A 233 -17.38 6.59 -4.11
CA CYS A 233 -16.82 5.54 -3.27
C CYS A 233 -17.46 4.19 -3.56
N ARG A 234 -18.74 4.19 -3.95
CA ARG A 234 -19.35 2.95 -4.44
C ARG A 234 -18.62 2.45 -5.67
N ASP A 235 -18.34 3.34 -6.62
CA ASP A 235 -17.65 2.94 -7.84
C ASP A 235 -16.21 2.56 -7.57
N ILE A 236 -15.56 3.21 -6.60
CA ILE A 236 -14.19 2.87 -6.26
C ILE A 236 -14.12 1.47 -5.67
N ILE A 237 -15.02 1.16 -4.75
CA ILE A 237 -15.00 -0.14 -4.09
C ILE A 237 -15.59 -1.22 -4.97
N GLN A 238 -16.54 -0.87 -5.83
CA GLN A 238 -17.02 -1.82 -6.84
C GLN A 238 -15.90 -2.20 -7.79
N ARG A 239 -15.07 -1.23 -8.18
CA ARG A 239 -13.94 -1.51 -9.05
C ARG A 239 -12.93 -2.42 -8.37
N MET A 240 -12.69 -2.18 -7.08
CA MET A 240 -11.79 -3.06 -6.32
C MET A 240 -12.35 -4.48 -6.23
N HIS A 241 -13.66 -4.60 -5.99
CA HIS A 241 -14.29 -5.91 -5.91
C HIS A 241 -14.28 -6.63 -7.25
N LEU A 242 -14.25 -5.90 -8.37
CA LEU A 242 -14.11 -6.55 -9.66
C LEU A 242 -12.80 -7.31 -9.75
N ARG A 243 -11.71 -6.71 -9.28
CA ARG A 243 -10.42 -7.37 -9.24
C ARG A 243 -10.30 -8.34 -8.07
N GLN A 244 -10.88 -8.00 -6.91
CA GLN A 244 -10.74 -8.86 -5.74
C GLN A 244 -11.59 -10.12 -5.86
N TYR A 245 -12.60 -10.11 -6.73
CA TYR A 245 -13.43 -11.28 -6.98
C TYR A 245 -13.25 -11.83 -8.38
N GLU A 246 -12.13 -11.52 -9.02
CA GLU A 246 -11.68 -12.14 -10.27
C GLU A 246 -12.63 -11.90 -11.44
N LEU A 247 -13.49 -10.88 -11.36
CA LEU A 247 -14.30 -10.51 -12.51
C LEU A 247 -13.44 -9.91 -13.61
N LEU A 248 -12.46 -9.08 -13.24
CA LEU A 248 -11.66 -8.36 -14.21
C LEU A 248 -10.48 -9.20 -14.68
N GLU B 9 24.97 42.98 3.06
CA GLU B 9 25.20 42.23 4.29
C GLU B 9 24.90 40.75 4.10
N LEU B 10 23.79 40.44 3.43
CA LEU B 10 23.45 39.05 3.17
C LEU B 10 24.48 38.39 2.27
N ASP B 11 24.96 39.11 1.26
CA ASP B 11 25.99 38.56 0.38
C ASP B 11 27.27 38.28 1.14
N GLN B 12 27.67 39.19 2.04
CA GLN B 12 28.87 38.97 2.84
C GLN B 12 28.72 37.74 3.74
N LEU B 13 27.55 37.59 4.37
CA LEU B 13 27.33 36.42 5.23
C LEU B 13 27.33 35.13 4.42
N ARG B 14 26.75 35.16 3.21
CA ARG B 14 26.77 33.98 2.36
C ARG B 14 28.19 33.65 1.93
N GLN B 15 29.01 34.67 1.63
CA GLN B 15 30.41 34.42 1.29
C GLN B 15 31.15 33.81 2.48
N GLU B 16 30.88 34.30 3.69
CA GLU B 16 31.51 33.73 4.87
C GLU B 16 31.07 32.28 5.07
N ALA B 17 29.80 31.98 4.82
CA ALA B 17 29.32 30.61 4.93
C ALA B 17 30.01 29.71 3.90
N GLU B 18 30.19 30.20 2.68
CA GLU B 18 30.89 29.42 1.67
C GLU B 18 32.34 29.18 2.07
N GLN B 19 32.99 30.20 2.64
CA GLN B 19 34.37 30.03 3.10
C GLN B 19 34.45 28.99 4.20
N LEU B 20 33.51 29.02 5.16
CA LEU B 20 33.50 28.04 6.23
C LEU B 20 33.23 26.65 5.70
N LYS B 21 32.33 26.52 4.71
CA LYS B 21 32.08 25.23 4.08
C LYS B 21 33.34 24.70 3.41
N ASN B 22 34.06 25.57 2.70
CA ASN B 22 35.30 25.14 2.06
C ASN B 22 36.33 24.70 3.09
N GLN B 23 36.43 25.43 4.20
CA GLN B 23 37.36 25.03 5.25
C GLN B 23 36.99 23.68 5.85
N ILE B 24 35.70 23.45 6.07
CA ILE B 24 35.25 22.18 6.63
C ILE B 24 35.54 21.04 5.66
N ARG B 25 35.28 21.25 4.37
CA ARG B 25 35.56 20.22 3.38
C ARG B 25 37.05 19.93 3.30
N ASP B 26 37.88 20.97 3.36
CA ASP B 26 39.32 20.77 3.35
C ASP B 26 39.80 20.00 4.57
N ALA B 27 39.24 20.31 5.73
CA ALA B 27 39.59 19.54 6.93
C ALA B 27 39.18 18.08 6.81
N ARG B 28 37.98 17.84 6.30
CA ARG B 28 37.53 16.46 6.11
C ARG B 28 38.43 15.71 5.14
N LYS B 29 38.82 16.36 4.05
CA LYS B 29 39.75 15.73 3.11
C LYS B 29 41.11 15.48 3.76
N ALA B 30 41.54 16.40 4.62
CA ALA B 30 42.83 16.24 5.29
C ALA B 30 42.82 15.04 6.22
N CYS B 31 41.72 14.82 6.94
CA CYS B 31 41.68 13.69 7.86
C CYS B 31 41.32 12.38 7.17
N ALA B 32 41.07 12.39 5.86
CA ALA B 32 40.75 11.17 5.11
C ALA B 32 42.04 10.51 4.67
N ASP B 33 42.69 9.84 5.63
CA ASP B 33 43.92 9.13 5.32
C ASP B 33 43.65 7.94 4.40
N ALA B 34 42.69 7.11 4.74
CA ALA B 34 42.36 5.93 3.95
C ALA B 34 40.88 5.62 4.09
N THR B 35 40.35 4.94 3.10
CA THR B 35 38.94 4.58 3.11
C THR B 35 38.70 3.33 3.95
N LEU B 36 37.45 3.14 4.36
CA LEU B 36 37.09 1.97 5.15
C LEU B 36 37.31 0.69 4.36
N SER B 37 37.00 0.71 3.07
CA SER B 37 37.19 -0.48 2.24
C SER B 37 38.66 -0.86 2.15
N GLN B 38 39.55 0.12 2.05
CA GLN B 38 40.98 -0.19 1.92
C GLN B 38 41.54 -0.83 3.18
N ILE B 39 40.85 -0.73 4.31
CA ILE B 39 41.35 -1.27 5.57
C ILE B 39 40.62 -2.56 5.92
N THR B 40 39.39 -2.71 5.42
CA THR B 40 38.63 -3.94 5.65
C THR B 40 38.62 -4.86 4.45
N ASN B 41 39.46 -4.61 3.45
CA ASN B 41 39.59 -5.54 2.32
C ASN B 41 40.06 -6.91 2.78
N ASN B 42 41.02 -6.95 3.71
CA ASN B 42 41.57 -8.21 4.17
C ASN B 42 40.63 -8.96 5.11
N ILE B 43 39.55 -8.32 5.55
CA ILE B 43 38.61 -8.95 6.47
C ILE B 43 37.89 -10.11 5.78
N ASP B 44 37.74 -11.21 6.50
CA ASP B 44 36.95 -12.32 5.98
C ASP B 44 35.47 -11.92 5.94
N PRO B 45 34.80 -12.13 4.81
CA PRO B 45 33.40 -11.74 4.70
C PRO B 45 32.51 -12.55 5.64
N VAL B 46 31.37 -11.95 6.00
CA VAL B 46 30.45 -12.60 6.92
C VAL B 46 29.81 -13.84 6.29
N GLY B 47 29.78 -13.93 4.97
CA GLY B 47 29.10 -15.03 4.32
C GLY B 47 27.62 -14.75 4.14
N ARG B 48 26.95 -15.72 3.53
CA ARG B 48 25.53 -15.57 3.25
C ARG B 48 24.74 -15.73 4.55
N ILE B 49 24.10 -14.64 5.00
CA ILE B 49 23.35 -14.63 6.25
C ILE B 49 21.92 -15.05 5.92
N GLN B 50 21.59 -16.29 6.26
CA GLN B 50 20.26 -16.84 6.05
C GLN B 50 19.46 -16.71 7.34
N MET B 51 18.47 -15.83 7.35
CA MET B 51 17.62 -15.62 8.50
C MET B 51 16.17 -15.88 8.10
N ARG B 52 15.49 -16.74 8.84
CA ARG B 52 14.14 -17.15 8.54
C ARG B 52 13.16 -16.45 9.46
N THR B 53 11.92 -16.33 8.98
CA THR B 53 10.85 -15.73 9.77
C THR B 53 10.47 -16.71 10.87
N ARG B 54 11.05 -16.54 12.05
CA ARG B 54 10.72 -17.41 13.17
C ARG B 54 9.25 -17.26 13.57
N ARG B 55 8.81 -16.02 13.78
CA ARG B 55 7.43 -15.75 14.15
C ARG B 55 6.91 -14.54 13.41
N THR B 56 5.67 -14.64 12.94
CA THR B 56 4.95 -13.49 12.41
C THR B 56 3.89 -13.07 13.42
N LEU B 57 3.83 -11.77 13.68
CA LEU B 57 2.93 -11.21 14.68
C LEU B 57 1.78 -10.52 13.95
N ARG B 58 0.62 -11.18 13.91
CA ARG B 58 -0.53 -10.70 13.18
C ARG B 58 -1.57 -10.16 14.16
N GLY B 59 -2.35 -9.19 13.68
CA GLY B 59 -3.37 -8.57 14.50
C GLY B 59 -3.54 -7.09 14.23
N HIS B 60 -2.57 -6.48 13.56
CA HIS B 60 -2.71 -5.08 13.16
C HIS B 60 -3.60 -4.99 11.94
N LEU B 61 -4.39 -3.92 11.86
CA LEU B 61 -5.39 -3.80 10.82
C LEU B 61 -4.97 -2.93 9.66
N ALA B 62 -4.10 -1.95 9.89
CA ALA B 62 -3.61 -1.11 8.82
C ALA B 62 -2.10 -1.25 8.75
N LYS B 63 -1.46 -0.43 7.92
CA LYS B 63 -0.01 -0.50 7.79
C LYS B 63 0.66 -0.13 9.11
N ILE B 64 1.78 -0.78 9.39
CA ILE B 64 2.57 -0.51 10.58
C ILE B 64 3.59 0.55 10.23
N TYR B 65 3.52 1.70 10.90
CA TYR B 65 4.50 2.76 10.70
C TYR B 65 5.71 2.67 11.61
N ALA B 66 5.60 2.04 12.77
CA ALA B 66 6.70 2.06 13.71
C ALA B 66 6.64 0.84 14.60
N MET B 67 7.79 0.49 15.16
CA MET B 67 7.91 -0.57 16.14
C MET B 67 9.15 -0.31 16.96
N HIS B 68 9.11 -0.73 18.22
CA HIS B 68 10.27 -0.60 19.09
C HIS B 68 10.36 -1.79 20.02
N TRP B 69 11.56 -2.33 20.16
CA TRP B 69 11.80 -3.44 21.06
C TRP B 69 11.90 -2.95 22.51
N GLY B 70 11.54 -3.83 23.43
CA GLY B 70 11.79 -3.56 24.83
C GLY B 70 13.22 -3.88 25.21
N THR B 71 13.63 -3.38 26.37
CA THR B 71 14.98 -3.62 26.86
C THR B 71 15.20 -5.11 27.16
N ASP B 72 14.14 -5.80 27.59
CA ASP B 72 14.24 -7.23 27.90
C ASP B 72 14.46 -8.10 26.66
N SER B 73 14.34 -7.53 25.46
CA SER B 73 14.47 -8.26 24.20
C SER B 73 13.39 -9.31 24.05
N ARG B 74 12.30 -9.14 24.78
CA ARG B 74 11.18 -10.08 24.84
C ARG B 74 9.85 -9.42 24.50
N LEU B 75 9.62 -8.21 24.99
CA LEU B 75 8.42 -7.45 24.68
C LEU B 75 8.70 -6.49 23.54
N LEU B 76 7.63 -6.00 22.92
CA LEU B 76 7.76 -5.24 21.68
C LEU B 76 6.48 -4.47 21.44
N VAL B 77 6.62 -3.18 21.10
CA VAL B 77 5.49 -2.31 20.84
C VAL B 77 5.46 -2.00 19.36
N SER B 78 4.25 -2.01 18.78
CA SER B 78 4.07 -1.73 17.36
C SER B 78 2.94 -0.74 17.19
N ALA B 79 3.10 0.16 16.22
CA ALA B 79 2.12 1.20 15.93
C ALA B 79 1.54 0.98 14.54
N SER B 80 0.22 1.09 14.42
CA SER B 80 -0.45 0.93 13.14
C SER B 80 -1.47 2.05 12.96
N GLN B 81 -1.78 2.33 11.70
CA GLN B 81 -2.64 3.45 11.34
C GLN B 81 -4.12 3.17 11.55
N ASP B 82 -4.47 2.09 12.25
CA ASP B 82 -5.84 1.87 12.69
C ASP B 82 -6.07 2.35 14.13
N GLY B 83 -5.15 3.18 14.65
CA GLY B 83 -5.26 3.67 16.00
C GLY B 83 -5.09 2.61 17.06
N LYS B 84 -4.15 1.70 16.87
CA LYS B 84 -3.86 0.65 17.84
C LYS B 84 -2.37 0.59 18.11
N LEU B 85 -2.03 0.41 19.38
CA LEU B 85 -0.65 0.32 19.85
C LEU B 85 -0.52 -1.02 20.56
N ILE B 86 -0.16 -2.05 19.82
CA ILE B 86 -0.16 -3.42 20.33
C ILE B 86 1.22 -3.74 20.92
N ILE B 87 1.23 -4.23 22.14
CA ILE B 87 2.45 -4.68 22.79
C ILE B 87 2.48 -6.20 22.76
N TRP B 88 3.44 -6.76 22.04
CA TRP B 88 3.53 -8.20 21.87
C TRP B 88 4.48 -8.81 22.88
N ASP B 89 4.31 -10.10 23.11
CA ASP B 89 5.33 -10.94 23.72
C ASP B 89 5.91 -11.77 22.59
N SER B 90 7.09 -11.38 22.13
CA SER B 90 7.66 -11.98 20.92
C SER B 90 7.88 -13.48 21.12
N TYR B 91 8.30 -13.89 22.31
CA TYR B 91 8.60 -15.30 22.54
C TYR B 91 7.36 -16.16 22.37
N THR B 92 6.23 -15.71 22.91
CA THR B 92 5.00 -16.50 22.93
C THR B 92 3.96 -16.02 21.91
N THR B 93 4.39 -15.18 20.97
CA THR B 93 3.51 -14.53 19.97
C THR B 93 2.15 -14.16 20.56
N ASN B 94 2.20 -13.54 21.74
CA ASN B 94 1.02 -13.11 22.47
C ASN B 94 1.04 -11.60 22.62
N LYS B 95 -0.14 -11.00 22.64
CA LYS B 95 -0.29 -9.56 22.74
C LYS B 95 -0.63 -9.20 24.18
N VAL B 96 0.31 -8.54 24.86
CA VAL B 96 0.09 -8.15 26.24
C VAL B 96 -0.92 -7.02 26.33
N HIS B 97 -0.79 -6.01 25.48
CA HIS B 97 -1.70 -4.87 25.47
C HIS B 97 -2.03 -4.49 24.03
N ALA B 98 -3.15 -3.80 23.88
CA ALA B 98 -3.56 -3.18 22.61
C ALA B 98 -4.20 -1.84 22.97
N ILE B 99 -3.45 -0.77 22.78
CA ILE B 99 -3.87 0.55 23.24
C ILE B 99 -4.59 1.28 22.11
N PRO B 100 -5.86 1.65 22.30
CA PRO B 100 -6.53 2.50 21.31
C PRO B 100 -6.01 3.91 21.37
N LEU B 101 -5.69 4.47 20.20
CA LEU B 101 -5.13 5.81 20.13
C LEU B 101 -6.21 6.83 19.79
N ARG B 102 -6.03 8.04 20.31
CA ARG B 102 -6.96 9.13 20.00
C ARG B 102 -6.94 9.46 18.51
N SER B 103 -5.75 9.55 17.93
CA SER B 103 -5.58 9.79 16.50
C SER B 103 -4.96 8.56 15.86
N SER B 104 -5.60 8.06 14.81
CA SER B 104 -5.13 6.82 14.19
C SER B 104 -3.83 7.01 13.44
N TRP B 105 -3.56 8.22 12.97
CA TRP B 105 -2.38 8.50 12.15
C TRP B 105 -1.15 8.59 13.04
N VAL B 106 -0.60 7.43 13.34
CA VAL B 106 0.58 7.29 14.21
C VAL B 106 1.76 6.92 13.35
N MET B 107 2.87 7.65 13.52
CA MET B 107 4.08 7.41 12.75
C MET B 107 5.25 6.93 13.59
N THR B 108 5.16 7.04 14.91
CA THR B 108 6.25 6.63 15.77
C THR B 108 5.70 5.94 17.01
N CYS B 109 6.50 5.05 17.57
CA CYS B 109 6.19 4.41 18.83
C CYS B 109 7.49 4.14 19.56
N ALA B 110 7.47 4.27 20.88
CA ALA B 110 8.66 4.11 21.69
C ALA B 110 8.37 3.21 22.88
N TYR B 111 9.35 2.42 23.28
CA TYR B 111 9.30 1.62 24.49
C TYR B 111 10.32 2.16 25.48
N ALA B 112 9.86 2.54 26.66
CA ALA B 112 10.77 3.05 27.67
C ALA B 112 11.75 1.95 28.07
N PRO B 113 13.02 2.30 28.33
CA PRO B 113 13.99 1.26 28.68
C PRO B 113 13.65 0.53 29.96
N SER B 114 12.85 1.14 30.83
CA SER B 114 12.44 0.52 32.08
C SER B 114 11.06 -0.11 31.99
N GLY B 115 10.51 -0.23 30.79
CA GLY B 115 9.12 -0.61 30.70
C GLY B 115 8.27 0.52 31.25
N ASN B 116 7.06 0.16 31.65
CA ASN B 116 6.16 1.01 32.42
C ASN B 116 5.60 2.16 31.59
N TYR B 117 6.10 2.33 30.37
CA TYR B 117 5.74 3.50 29.57
C TYR B 117 5.97 3.20 28.09
N VAL B 118 5.01 3.62 27.28
CA VAL B 118 5.11 3.55 25.82
C VAL B 118 4.61 4.87 25.26
N ALA B 119 5.33 5.39 24.27
CA ALA B 119 4.99 6.66 23.65
C ALA B 119 4.65 6.44 22.19
N CYS B 120 3.79 7.31 21.66
CA CYS B 120 3.44 7.28 20.25
C CYS B 120 3.02 8.67 19.80
N GLY B 121 3.09 8.89 18.50
CA GLY B 121 2.70 10.17 17.93
C GLY B 121 2.65 10.09 16.42
N GLY B 122 2.22 11.20 15.83
CA GLY B 122 2.06 11.26 14.39
C GLY B 122 1.48 12.58 13.91
N LEU B 123 0.47 12.51 13.04
CA LEU B 123 -0.13 13.71 12.48
C LEU B 123 -0.89 14.53 13.52
N ASP B 124 -1.11 13.99 14.71
CA ASP B 124 -1.71 14.76 15.78
C ASP B 124 -0.76 15.81 16.36
N ASN B 125 0.52 15.76 15.99
CA ASN B 125 1.54 16.69 16.49
C ASN B 125 1.69 16.59 18.00
N ILE B 126 1.34 15.44 18.56
CA ILE B 126 1.35 15.21 20.00
C ILE B 126 2.07 13.90 20.28
N CYS B 127 2.96 13.90 21.26
CA CYS B 127 3.58 12.69 21.76
C CYS B 127 2.79 12.22 22.98
N SER B 128 2.12 11.08 22.84
CA SER B 128 1.26 10.54 23.89
C SER B 128 2.00 9.41 24.60
N ILE B 129 2.16 9.54 25.92
CA ILE B 129 2.81 8.53 26.73
C ILE B 129 1.75 7.75 27.49
N TYR B 130 1.86 6.42 27.47
CA TYR B 130 0.88 5.54 28.08
C TYR B 130 1.53 4.74 29.20
N ASN B 131 0.87 4.68 30.34
CA ASN B 131 1.40 4.01 31.53
C ASN B 131 0.86 2.58 31.56
N LEU B 132 1.76 1.61 31.42
CA LEU B 132 1.37 0.21 31.40
C LEU B 132 1.32 -0.38 32.81
N LYS B 133 2.44 -0.32 33.53
CA LYS B 133 2.53 -0.86 34.89
C LYS B 133 1.84 0.11 35.86
N THR B 134 0.52 0.17 35.76
CA THR B 134 -0.30 1.05 36.57
C THR B 134 -1.01 0.27 37.66
N ARG B 135 -1.40 0.97 38.72
CA ARG B 135 -2.12 0.34 39.81
C ARG B 135 -3.51 -0.11 39.39
N GLU B 136 -4.14 0.61 38.46
CA GLU B 136 -5.46 0.21 37.98
C GLU B 136 -5.41 -1.03 37.10
N GLY B 137 -4.25 -1.35 36.53
CA GLY B 137 -4.11 -2.52 35.69
C GLY B 137 -4.48 -2.32 34.23
N ASN B 138 -4.91 -1.12 33.85
CA ASN B 138 -5.31 -0.83 32.48
C ASN B 138 -4.47 0.31 31.92
N VAL B 139 -4.06 0.16 30.66
CA VAL B 139 -3.22 1.18 30.02
C VAL B 139 -4.04 2.44 29.81
N ARG B 140 -3.53 3.56 30.30
CA ARG B 140 -4.16 4.85 30.14
C ARG B 140 -3.10 5.87 29.76
N VAL B 141 -3.53 6.94 29.09
CA VAL B 141 -2.60 7.99 28.72
C VAL B 141 -2.14 8.73 29.96
N SER B 142 -0.83 8.86 30.12
CA SER B 142 -0.23 9.49 31.29
C SER B 142 0.14 10.95 31.05
N ARG B 143 0.51 11.29 29.82
CA ARG B 143 0.91 12.64 29.48
C ARG B 143 0.70 12.83 27.99
N GLU B 144 0.34 14.06 27.60
CA GLU B 144 0.01 14.41 26.22
C GLU B 144 0.85 15.62 25.85
N LEU B 145 2.06 15.38 25.36
CA LEU B 145 3.00 16.46 25.05
C LEU B 145 2.56 17.17 23.78
N ALA B 146 2.13 18.42 23.91
CA ALA B 146 1.63 19.21 22.78
C ALA B 146 2.43 20.50 22.70
N GLY B 147 3.58 20.43 22.01
CA GLY B 147 4.38 21.61 21.77
C GLY B 147 4.91 21.68 20.36
N HIS B 148 4.66 20.64 19.58
CA HIS B 148 5.18 20.53 18.23
C HIS B 148 4.15 21.08 17.23
N THR B 149 4.65 21.83 16.26
CA THR B 149 3.81 22.37 15.19
C THR B 149 3.81 21.49 13.95
N GLY B 150 4.43 20.31 14.02
CA GLY B 150 4.44 19.39 12.90
C GLY B 150 4.27 17.97 13.38
N TYR B 151 4.22 17.05 12.42
CA TYR B 151 4.00 15.65 12.74
C TYR B 151 5.22 15.02 13.38
N LEU B 152 5.00 14.26 14.44
CA LEU B 152 6.07 13.50 15.06
C LEU B 152 6.50 12.36 14.15
N SER B 153 7.81 12.16 14.04
CA SER B 153 8.37 11.10 13.21
C SER B 153 9.14 10.07 14.00
N CYS B 154 9.72 10.43 15.14
CA CYS B 154 10.43 9.48 15.98
C CYS B 154 10.45 10.00 17.40
N CYS B 155 10.13 9.12 18.35
CA CYS B 155 10.21 9.42 19.77
C CYS B 155 11.05 8.37 20.46
N ARG B 156 11.93 8.80 21.35
CA ARG B 156 12.83 7.91 22.08
C ARG B 156 12.97 8.37 23.51
N PHE B 157 12.91 7.42 24.44
CA PHE B 157 13.10 7.71 25.86
C PHE B 157 14.58 7.74 26.19
N LEU B 158 15.06 8.86 26.73
CA LEU B 158 16.33 8.85 27.43
C LEU B 158 16.24 7.96 28.65
N ASP B 159 15.17 8.11 29.40
CA ASP B 159 14.81 7.32 30.57
C ASP B 159 13.35 7.66 30.87
N ASP B 160 12.87 7.24 32.03
CA ASP B 160 11.58 7.73 32.48
C ASP B 160 11.64 9.24 32.68
N ASN B 161 10.52 9.91 32.39
CA ASN B 161 10.36 11.35 32.64
C ASN B 161 11.15 12.20 31.65
N GLN B 162 11.81 11.58 30.66
CA GLN B 162 12.53 12.34 29.65
C GLN B 162 12.41 11.62 28.32
N ILE B 163 12.05 12.35 27.27
CA ILE B 163 11.86 11.78 25.94
C ILE B 163 12.26 12.80 24.89
N VAL B 164 12.92 12.34 23.83
CA VAL B 164 13.30 13.15 22.69
C VAL B 164 12.37 12.83 21.52
N THR B 165 11.77 13.87 20.95
CA THR B 165 10.82 13.71 19.85
C THR B 165 11.26 14.51 18.65
N SER B 166 11.30 13.86 17.50
CA SER B 166 11.55 14.52 16.22
C SER B 166 10.23 14.76 15.53
N SER B 167 10.07 15.95 14.95
CA SER B 167 8.81 16.34 14.35
C SER B 167 9.04 16.88 12.94
N GLY B 168 7.93 17.09 12.24
CA GLY B 168 7.94 17.70 10.93
C GLY B 168 8.02 19.21 10.93
N ASP B 169 8.26 19.82 12.09
CA ASP B 169 8.52 21.25 12.16
C ASP B 169 10.01 21.57 12.08
N THR B 170 10.80 20.67 11.50
CA THR B 170 12.24 20.82 11.32
C THR B 170 12.99 20.94 12.65
N THR B 171 12.36 20.56 13.76
CA THR B 171 12.98 20.68 15.07
C THR B 171 12.78 19.39 15.85
N CYS B 172 13.74 19.09 16.71
CA CYS B 172 13.64 18.03 17.70
C CYS B 172 13.47 18.65 19.07
N ALA B 173 12.88 17.89 19.99
CA ALA B 173 12.53 18.41 21.30
C ALA B 173 12.90 17.41 22.38
N LEU B 174 13.40 17.91 23.50
CA LEU B 174 13.65 17.11 24.69
C LEU B 174 12.60 17.49 25.72
N TRP B 175 11.80 16.51 26.14
CA TRP B 175 10.62 16.74 26.95
C TRP B 175 10.83 16.28 28.38
N ASP B 176 10.28 17.05 29.31
CA ASP B 176 10.15 16.62 30.70
C ASP B 176 8.72 16.13 30.87
N ILE B 177 8.55 14.82 31.01
CA ILE B 177 7.22 14.21 30.92
C ILE B 177 6.35 14.65 32.10
N GLU B 178 6.92 14.77 33.29
CA GLU B 178 6.13 15.13 34.46
C GLU B 178 5.47 16.49 34.29
N THR B 179 6.22 17.48 33.81
CA THR B 179 5.67 18.81 33.59
C THR B 179 5.10 19.00 32.19
N GLY B 180 5.42 18.11 31.26
CA GLY B 180 4.94 18.23 29.90
C GLY B 180 5.47 19.45 29.18
N GLN B 181 6.75 19.76 29.34
CA GLN B 181 7.34 20.96 28.76
C GLN B 181 8.60 20.59 27.99
N GLN B 182 8.94 21.44 27.03
CA GLN B 182 10.16 21.27 26.23
C GLN B 182 11.34 21.76 27.05
N THR B 183 12.13 20.82 27.57
CA THR B 183 13.36 21.19 28.27
C THR B 183 14.33 21.87 27.32
N THR B 184 14.48 21.33 26.11
CA THR B 184 15.36 21.88 25.09
C THR B 184 14.79 21.58 23.72
N THR B 185 14.85 22.55 22.82
CA THR B 185 14.46 22.38 21.43
C THR B 185 15.71 22.38 20.56
N PHE B 186 15.75 21.50 19.58
CA PHE B 186 16.91 21.32 18.72
C PHE B 186 16.56 21.83 17.32
N THR B 187 17.04 23.01 16.99
CA THR B 187 16.76 23.67 15.73
C THR B 187 18.02 23.74 14.88
N GLY B 188 17.84 23.77 13.57
CA GLY B 188 18.96 23.77 12.66
C GLY B 188 18.70 22.98 11.40
N HIS B 189 17.79 22.01 11.47
CA HIS B 189 17.37 21.31 10.27
C HIS B 189 16.53 22.22 9.40
N THR B 190 16.75 22.14 8.09
CA THR B 190 15.93 22.86 7.11
C THR B 190 14.89 21.98 6.46
N GLY B 191 14.71 20.75 6.95
CA GLY B 191 13.72 19.85 6.42
C GLY B 191 13.04 19.07 7.53
N ASP B 192 12.08 18.23 7.12
CA ASP B 192 11.31 17.44 8.07
C ASP B 192 12.20 16.41 8.76
N VAL B 193 12.34 16.51 10.07
CA VAL B 193 13.16 15.54 10.80
C VAL B 193 12.43 14.20 10.81
N MET B 194 13.09 13.17 10.28
CA MET B 194 12.43 11.90 9.99
C MET B 194 12.71 10.82 11.02
N SER B 195 13.88 10.83 11.63
CA SER B 195 14.22 9.80 12.61
C SER B 195 15.40 10.25 13.45
N LEU B 196 15.36 9.90 14.72
CA LEU B 196 16.47 10.12 15.64
C LEU B 196 16.84 8.80 16.30
N SER B 197 18.13 8.61 16.56
CA SER B 197 18.62 7.43 17.27
C SER B 197 19.40 7.89 18.48
N LEU B 198 19.10 7.30 19.63
CA LEU B 198 19.78 7.66 20.86
C LEU B 198 21.15 7.00 20.93
N ALA B 199 22.13 7.73 21.44
CA ALA B 199 23.44 7.14 21.69
C ALA B 199 23.36 6.17 22.86
N PRO B 200 24.22 5.16 22.90
CA PRO B 200 24.21 4.24 24.04
C PRO B 200 24.41 4.93 25.37
N ASP B 201 25.21 6.00 25.41
CA ASP B 201 25.40 6.74 26.65
C ASP B 201 24.32 7.77 26.90
N THR B 202 23.34 7.89 26.00
CA THR B 202 22.18 8.78 26.12
C THR B 202 22.56 10.25 26.04
N ARG B 203 23.86 10.57 26.04
CA ARG B 203 24.31 11.96 26.05
C ARG B 203 24.15 12.66 24.71
N LEU B 204 24.06 11.91 23.61
CA LEU B 204 23.91 12.49 22.28
C LEU B 204 22.83 11.75 21.53
N PHE B 205 22.44 12.31 20.39
CA PHE B 205 21.56 11.64 19.44
C PHE B 205 21.67 12.32 18.09
N VAL B 206 21.59 11.52 17.03
CA VAL B 206 21.66 12.02 15.66
C VAL B 206 20.25 12.03 15.09
N SER B 207 19.94 13.07 14.33
CA SER B 207 18.64 13.21 13.67
C SER B 207 18.85 13.35 12.18
N GLY B 208 18.17 12.51 11.40
CA GLY B 208 18.21 12.58 9.96
C GLY B 208 16.90 13.17 9.44
N ALA B 209 17.03 14.17 8.57
CA ALA B 209 15.88 14.92 8.10
C ALA B 209 15.75 14.83 6.59
N CYS B 210 14.83 15.62 6.04
CA CYS B 210 14.53 15.65 4.62
C CYS B 210 15.39 16.63 3.85
N ASP B 211 16.35 17.27 4.52
CA ASP B 211 17.32 18.13 3.86
C ASP B 211 18.60 17.38 3.49
N ALA B 212 18.53 16.04 3.44
CA ALA B 212 19.67 15.21 3.06
C ALA B 212 20.88 15.46 3.96
N SER B 213 20.62 15.66 5.24
CA SER B 213 21.68 15.93 6.20
C SER B 213 21.30 15.36 7.55
N ALA B 214 22.28 14.77 8.22
CA ALA B 214 22.12 14.22 9.56
C ALA B 214 22.95 15.01 10.54
N LYS B 215 22.35 15.41 11.65
CA LYS B 215 23.00 16.28 12.63
C LYS B 215 23.12 15.56 13.96
N LEU B 216 24.31 15.61 14.56
CA LEU B 216 24.55 15.09 15.89
C LEU B 216 24.29 16.19 16.91
N TRP B 217 23.34 15.94 17.81
CA TRP B 217 22.91 16.92 18.79
C TRP B 217 23.49 16.59 20.16
N ASP B 218 23.61 17.60 21.01
CA ASP B 218 23.97 17.40 22.40
C ASP B 218 22.71 17.53 23.25
N VAL B 219 22.37 16.44 23.95
CA VAL B 219 21.11 16.38 24.67
C VAL B 219 21.06 17.43 25.78
N ARG B 220 22.14 17.55 26.54
CA ARG B 220 22.15 18.47 27.68
C ARG B 220 22.55 19.89 27.27
N GLU B 221 23.63 20.04 26.51
CA GLU B 221 24.08 21.36 26.11
C GLU B 221 23.07 22.03 25.17
N GLY B 222 22.64 21.33 24.14
CA GLY B 222 21.51 21.77 23.34
C GLY B 222 21.80 22.38 21.98
N MET B 223 23.00 22.22 21.44
CA MET B 223 23.26 22.67 20.08
C MET B 223 23.87 21.55 19.25
N CYS B 224 23.76 21.70 17.93
CA CYS B 224 24.22 20.70 16.98
C CYS B 224 25.74 20.72 16.92
N ARG B 225 26.36 19.66 17.42
CA ARG B 225 27.81 19.59 17.42
C ARG B 225 28.37 19.45 16.01
N GLN B 226 27.81 18.54 15.23
CA GLN B 226 28.31 18.27 13.88
C GLN B 226 27.15 18.02 12.94
N THR B 227 27.37 18.32 11.66
CA THR B 227 26.44 18.01 10.60
C THR B 227 27.10 17.02 9.64
N PHE B 228 26.28 16.15 9.06
CA PHE B 228 26.76 15.05 8.24
C PHE B 228 26.03 15.06 6.91
N THR B 229 26.75 15.41 5.85
CA THR B 229 26.20 15.44 4.51
C THR B 229 26.84 14.37 3.65
N GLY B 230 26.24 14.14 2.48
CA GLY B 230 26.67 13.07 1.60
C GLY B 230 25.47 12.38 0.99
N HIS B 231 24.36 12.37 1.72
CA HIS B 231 23.11 11.90 1.17
C HIS B 231 22.55 12.90 0.18
N GLU B 232 21.93 12.41 -0.89
CA GLU B 232 21.39 13.27 -1.93
C GLU B 232 19.87 13.26 -1.98
N SER B 233 19.23 12.82 -0.89
CA SER B 233 17.77 12.85 -0.79
C SER B 233 17.40 12.75 0.68
N ASP B 234 16.10 12.71 0.94
CA ASP B 234 15.60 12.75 2.31
C ASP B 234 16.05 11.51 3.08
N ILE B 235 16.61 11.72 4.26
CA ILE B 235 16.95 10.62 5.15
C ILE B 235 15.69 10.18 5.89
N ASN B 236 15.39 8.88 5.82
CA ASN B 236 14.23 8.33 6.50
C ASN B 236 14.58 7.47 7.70
N ALA B 237 15.83 7.05 7.84
CA ALA B 237 16.24 6.15 8.92
C ALA B 237 17.62 6.55 9.42
N ILE B 238 17.82 6.41 10.73
CA ILE B 238 19.11 6.66 11.36
C ILE B 238 19.28 5.67 12.50
N CYS B 239 20.52 5.25 12.74
CA CYS B 239 20.82 4.28 13.78
C CYS B 239 22.29 4.39 14.14
N PHE B 240 22.58 4.44 15.45
CA PHE B 240 23.96 4.47 15.91
C PHE B 240 24.63 3.12 15.73
N PHE B 241 25.94 3.16 15.51
CA PHE B 241 26.75 1.99 15.70
C PHE B 241 26.71 1.60 17.18
N PRO B 242 26.83 0.32 17.50
CA PRO B 242 26.71 -0.11 18.90
C PRO B 242 27.53 0.71 19.89
N ASN B 243 28.67 1.26 19.46
CA ASN B 243 29.33 2.30 20.23
C ASN B 243 29.05 3.64 19.58
N GLY B 244 28.87 4.67 20.41
CA GLY B 244 28.44 5.96 19.89
C GLY B 244 29.54 6.69 19.13
N ASN B 245 30.13 6.03 18.15
CA ASN B 245 31.17 6.61 17.33
C ASN B 245 30.84 6.62 15.85
N ALA B 246 29.72 6.02 15.45
CA ALA B 246 29.30 6.04 14.06
C ALA B 246 27.81 5.80 14.00
N PHE B 247 27.22 6.16 12.86
CA PHE B 247 25.80 5.93 12.64
C PHE B 247 25.55 5.73 11.16
N ALA B 248 24.47 5.04 10.85
CA ALA B 248 24.09 4.73 9.48
C ALA B 248 22.78 5.41 9.13
N THR B 249 22.72 5.96 7.92
CA THR B 249 21.56 6.68 7.44
C THR B 249 21.04 6.05 6.16
N GLY B 250 19.73 6.06 6.00
CA GLY B 250 19.12 5.59 4.78
C GLY B 250 18.24 6.65 4.18
N SER B 251 18.33 6.81 2.86
CA SER B 251 17.63 7.86 2.16
C SER B 251 16.89 7.29 0.97
N ASP B 252 16.09 8.15 0.33
CA ASP B 252 15.39 7.79 -0.89
C ASP B 252 16.32 7.65 -2.09
N ASP B 253 17.58 8.06 -1.95
CA ASP B 253 18.57 7.87 -3.00
C ASP B 253 19.08 6.44 -3.08
N ALA B 254 18.44 5.51 -2.36
CA ALA B 254 18.76 4.09 -2.42
C ALA B 254 20.17 3.79 -1.90
N THR B 255 20.68 4.60 -0.98
CA THR B 255 22.01 4.42 -0.44
C THR B 255 21.96 4.47 1.09
N CYS B 256 22.71 3.59 1.72
CA CYS B 256 23.02 3.68 3.13
C CYS B 256 24.46 4.15 3.28
N ARG B 257 24.68 5.15 4.12
CA ARG B 257 26.02 5.66 4.37
C ARG B 257 26.32 5.60 5.86
N LEU B 258 27.54 5.17 6.18
CA LEU B 258 28.01 5.06 7.55
C LEU B 258 28.87 6.30 7.84
N PHE B 259 28.35 7.20 8.66
CA PHE B 259 29.06 8.40 9.06
C PHE B 259 29.68 8.19 10.42
N ASP B 260 30.93 8.64 10.58
CA ASP B 260 31.65 8.50 11.83
C ASP B 260 31.78 9.88 12.48
N LEU B 261 31.50 9.95 13.78
CA LEU B 261 31.47 11.22 14.47
C LEU B 261 32.87 11.82 14.60
N ARG B 262 33.84 11.00 15.00
CA ARG B 262 35.18 11.52 15.27
C ARG B 262 35.85 12.02 13.99
N ALA B 263 35.63 11.33 12.87
CA ALA B 263 36.16 11.79 11.60
C ALA B 263 35.29 12.86 10.95
N ASP B 264 34.05 13.03 11.41
CA ASP B 264 33.11 14.00 10.84
C ASP B 264 32.99 13.81 9.33
N GLN B 265 32.81 12.56 8.92
CA GLN B 265 32.83 12.23 7.51
C GLN B 265 32.10 10.91 7.30
N GLU B 266 31.75 10.64 6.04
CA GLU B 266 31.21 9.35 5.68
C GLU B 266 32.34 8.36 5.45
N LEU B 267 32.17 7.15 5.99
CA LEU B 267 33.18 6.12 5.84
C LEU B 267 33.00 5.30 4.57
N MET B 268 31.79 4.80 4.32
CA MET B 268 31.55 3.98 3.14
C MET B 268 30.06 3.93 2.86
N THR B 269 29.71 3.66 1.60
CA THR B 269 28.35 3.76 1.13
C THR B 269 27.80 2.38 0.79
N TYR B 270 26.58 2.10 1.22
CA TYR B 270 25.93 0.80 1.03
C TYR B 270 24.86 0.97 -0.04
N SER B 271 25.23 0.69 -1.28
CA SER B 271 24.32 0.83 -2.41
C SER B 271 24.58 -0.28 -3.41
N HIS B 272 23.54 -0.56 -4.22
CA HIS B 272 23.65 -1.51 -5.31
C HIS B 272 22.99 -0.90 -6.54
N ASP B 273 23.47 -1.31 -7.72
CA ASP B 273 22.91 -0.79 -8.96
C ASP B 273 21.46 -1.21 -9.12
N ASN B 274 21.12 -2.44 -8.73
CA ASN B 274 19.74 -2.90 -8.85
C ASN B 274 18.82 -2.15 -7.90
N ILE B 275 19.35 -1.59 -6.81
CA ILE B 275 18.53 -0.91 -5.82
C ILE B 275 18.28 0.52 -6.29
N ILE B 276 17.02 0.82 -6.60
CA ILE B 276 16.59 2.16 -7.00
C ILE B 276 15.48 2.69 -6.11
N CYS B 277 15.13 1.95 -5.05
CA CYS B 277 14.07 2.34 -4.14
C CYS B 277 14.67 2.89 -2.85
N GLY B 278 13.85 3.65 -2.13
CA GLY B 278 14.31 4.29 -0.91
C GLY B 278 14.59 3.31 0.20
N ILE B 279 15.19 3.82 1.26
CA ILE B 279 15.50 3.05 2.45
C ILE B 279 14.66 3.61 3.59
N THR B 280 13.88 2.75 4.23
CA THR B 280 12.91 3.17 5.23
C THR B 280 13.41 3.00 6.66
N SER B 281 14.14 1.92 6.94
CA SER B 281 14.61 1.64 8.28
C SER B 281 16.03 1.12 8.24
N VAL B 282 16.80 1.45 9.27
CA VAL B 282 18.20 1.05 9.38
C VAL B 282 18.45 0.62 10.82
N SER B 283 19.16 -0.50 10.99
CA SER B 283 19.54 -0.95 12.31
C SER B 283 20.80 -1.80 12.22
N PHE B 284 21.64 -1.72 13.23
CA PHE B 284 22.86 -2.51 13.30
C PHE B 284 22.62 -3.77 14.13
N SER B 285 23.53 -4.74 13.97
CA SER B 285 23.53 -5.89 14.86
C SER B 285 24.17 -5.49 16.19
N LYS B 286 24.25 -6.46 17.11
CA LYS B 286 24.83 -6.16 18.41
C LYS B 286 26.33 -5.86 18.28
N SER B 287 27.00 -6.53 17.35
CA SER B 287 28.43 -6.29 17.11
C SER B 287 28.67 -5.19 16.10
N GLY B 288 27.63 -4.69 15.43
CA GLY B 288 27.78 -3.66 14.42
C GLY B 288 28.25 -4.17 13.07
N ARG B 289 28.42 -5.48 12.91
CA ARG B 289 28.92 -6.01 11.65
C ARG B 289 27.87 -6.00 10.55
N LEU B 290 26.61 -6.18 10.90
CA LEU B 290 25.52 -6.26 9.94
C LEU B 290 24.70 -4.99 9.99
N LEU B 291 24.39 -4.44 8.82
CA LEU B 291 23.57 -3.24 8.69
C LEU B 291 22.28 -3.65 7.97
N LEU B 292 21.25 -3.93 8.75
CA LEU B 292 19.97 -4.31 8.17
C LEU B 292 19.23 -3.06 7.71
N ALA B 293 18.78 -3.07 6.46
CA ALA B 293 18.14 -1.91 5.85
C ALA B 293 16.79 -2.32 5.30
N GLY B 294 15.74 -1.63 5.74
CA GLY B 294 14.42 -1.82 5.19
C GLY B 294 14.25 -1.00 3.92
N TYR B 295 13.53 -1.58 2.97
CA TYR B 295 13.42 -1.02 1.62
C TYR B 295 11.96 -0.91 1.19
N ASP B 296 11.75 -0.09 0.17
CA ASP B 296 10.46 -0.02 -0.51
C ASP B 296 10.23 -1.18 -1.45
N ASP B 297 11.23 -2.05 -1.63
CA ASP B 297 11.13 -3.24 -2.46
C ASP B 297 10.39 -4.38 -1.75
N PHE B 298 9.67 -4.06 -0.69
CA PHE B 298 8.94 -5.04 0.12
C PHE B 298 9.88 -6.04 0.77
N ASN B 299 11.14 -5.68 0.95
CA ASN B 299 12.14 -6.62 1.43
C ASN B 299 13.24 -5.87 2.16
N CYS B 300 14.04 -6.62 2.91
CA CYS B 300 15.16 -6.07 3.68
C CYS B 300 16.47 -6.65 3.19
N ASN B 301 17.54 -5.89 3.36
CA ASN B 301 18.87 -6.30 2.96
C ASN B 301 19.81 -6.23 4.15
N VAL B 302 20.67 -7.23 4.27
CA VAL B 302 21.70 -7.28 5.30
C VAL B 302 23.01 -6.85 4.68
N TRP B 303 23.63 -5.82 5.25
CA TRP B 303 24.87 -5.25 4.72
C TRP B 303 26.01 -5.53 5.68
N ASP B 304 27.13 -6.02 5.14
CA ASP B 304 28.37 -6.08 5.90
C ASP B 304 28.89 -4.66 6.06
N ALA B 305 28.77 -4.13 7.28
CA ALA B 305 29.04 -2.71 7.49
C ALA B 305 30.48 -2.34 7.15
N LEU B 306 31.41 -3.28 7.30
CA LEU B 306 32.81 -3.00 7.02
C LEU B 306 33.19 -3.20 5.56
N LYS B 307 32.37 -3.89 4.77
CA LYS B 307 32.70 -4.17 3.39
C LYS B 307 31.66 -3.69 2.39
N ALA B 308 30.49 -3.23 2.84
CA ALA B 308 29.42 -2.78 1.96
C ALA B 308 29.05 -3.86 0.94
N ASP B 309 29.12 -5.10 1.36
CA ASP B 309 28.74 -6.24 0.54
C ASP B 309 27.47 -6.85 1.12
N ARG B 310 26.48 -7.04 0.27
CA ARG B 310 25.20 -7.60 0.73
C ARG B 310 25.42 -9.01 1.25
N ALA B 311 24.87 -9.28 2.43
CA ALA B 311 25.03 -10.58 3.07
C ALA B 311 23.80 -11.46 2.94
N GLY B 312 22.60 -10.87 2.89
CA GLY B 312 21.39 -11.66 2.81
C GLY B 312 20.20 -10.78 2.53
N VAL B 313 19.07 -11.44 2.29
CA VAL B 313 17.80 -10.77 1.98
C VAL B 313 16.74 -11.31 2.91
N LEU B 314 16.00 -10.42 3.55
CA LEU B 314 14.86 -10.78 4.38
C LEU B 314 13.59 -10.49 3.59
N ALA B 315 13.20 -11.45 2.76
CA ALA B 315 12.08 -11.28 1.83
C ALA B 315 10.90 -12.10 2.32
N GLY B 316 10.02 -11.46 3.08
CA GLY B 316 8.80 -12.11 3.53
C GLY B 316 7.60 -11.19 3.63
N HIS B 317 7.74 -9.96 3.14
CA HIS B 317 6.71 -8.93 3.31
C HIS B 317 6.07 -8.61 1.97
N ASP B 318 4.74 -8.53 1.97
CA ASP B 318 4.01 -8.21 0.75
C ASP B 318 4.06 -6.73 0.41
N ASN B 319 4.13 -5.86 1.42
CA ASN B 319 4.18 -4.42 1.23
C ASN B 319 5.51 -3.88 1.73
N ARG B 320 5.66 -2.56 1.66
CA ARG B 320 6.95 -1.95 1.97
C ARG B 320 7.30 -2.14 3.44
N VAL B 321 8.59 -2.35 3.70
CA VAL B 321 9.07 -2.48 5.07
C VAL B 321 9.21 -1.09 5.66
N SER B 322 8.50 -0.84 6.76
CA SER B 322 8.41 0.50 7.33
C SER B 322 9.27 0.65 8.60
N CYS B 323 9.37 -0.39 9.41
CA CYS B 323 10.14 -0.34 10.64
C CYS B 323 11.05 -1.54 10.74
N LEU B 324 12.15 -1.37 11.47
CA LEU B 324 13.15 -2.41 11.64
C LEU B 324 13.95 -2.11 12.89
N GLY B 325 14.41 -3.17 13.56
CA GLY B 325 15.18 -3.00 14.78
C GLY B 325 15.54 -4.32 15.44
N VAL B 326 16.78 -4.42 15.90
CA VAL B 326 17.24 -5.63 16.56
C VAL B 326 16.94 -5.55 18.06
N THR B 327 16.96 -6.70 18.71
CA THR B 327 16.81 -6.74 20.15
C THR B 327 18.06 -6.21 20.83
N ASP B 328 17.95 -5.94 22.13
CA ASP B 328 19.10 -5.48 22.89
C ASP B 328 20.18 -6.54 22.96
N ASP B 329 19.79 -7.81 23.07
CA ASP B 329 20.76 -8.89 23.11
C ASP B 329 21.20 -9.34 21.72
N GLY B 330 20.63 -8.76 20.67
CA GLY B 330 21.03 -9.10 19.31
C GLY B 330 20.51 -10.42 18.80
N MET B 331 19.56 -11.03 19.51
CA MET B 331 19.11 -12.37 19.12
C MET B 331 18.31 -12.34 17.83
N ALA B 332 17.36 -11.41 17.71
CA ALA B 332 16.46 -11.38 16.57
C ALA B 332 16.19 -9.95 16.15
N VAL B 333 15.86 -9.79 14.87
CA VAL B 333 15.43 -8.51 14.31
C VAL B 333 13.96 -8.62 13.94
N ALA B 334 13.17 -7.64 14.34
CA ALA B 334 11.76 -7.57 14.01
C ALA B 334 11.58 -6.63 12.83
N THR B 335 10.71 -7.01 11.90
CA THR B 335 10.47 -6.25 10.69
C THR B 335 8.97 -6.08 10.51
N GLY B 336 8.48 -4.86 10.73
CA GLY B 336 7.09 -4.53 10.47
C GLY B 336 6.97 -3.83 9.14
N SER B 337 5.91 -4.16 8.40
CA SER B 337 5.72 -3.66 7.06
C SER B 337 4.30 -3.11 6.90
N TRP B 338 4.06 -2.48 5.75
CA TRP B 338 2.76 -1.90 5.47
C TRP B 338 1.69 -2.94 5.21
N ASP B 339 2.06 -4.22 5.12
CA ASP B 339 1.12 -5.32 4.97
C ASP B 339 0.50 -5.76 6.29
N SER B 340 0.59 -4.91 7.32
CA SER B 340 -0.05 -5.12 8.62
C SER B 340 0.48 -6.35 9.35
N PHE B 341 1.66 -6.83 9.00
CA PHE B 341 2.27 -7.97 9.65
C PHE B 341 3.66 -7.59 10.16
N LEU B 342 3.98 -8.06 11.35
CA LEU B 342 5.30 -7.88 11.95
C LEU B 342 5.96 -9.24 12.06
N LYS B 343 7.19 -9.34 11.56
CA LYS B 343 7.91 -10.61 11.49
C LYS B 343 9.20 -10.52 12.29
N ILE B 344 9.50 -11.58 13.03
CA ILE B 344 10.74 -11.69 13.78
C ILE B 344 11.67 -12.64 13.01
N TRP B 345 12.87 -12.15 12.69
CA TRP B 345 13.83 -12.90 11.90
C TRP B 345 15.00 -13.32 12.77
N ASN B 346 15.54 -14.50 12.49
CA ASN B 346 16.65 -15.05 13.25
C ASN B 346 17.37 -16.15 12.48
N THR C 6 15.88 41.42 7.14
CA THR C 6 16.12 41.30 8.57
C THR C 6 16.12 39.85 9.01
N ALA C 7 15.11 39.10 8.58
CA ALA C 7 15.06 37.69 8.90
C ALA C 7 16.12 36.90 8.14
N SER C 8 16.34 37.25 6.88
CA SER C 8 17.32 36.53 6.06
C SER C 8 18.73 36.71 6.61
N ILE C 9 19.09 37.94 6.99
CA ILE C 9 20.43 38.16 7.52
C ILE C 9 20.60 37.48 8.87
N ALA C 10 19.54 37.45 9.68
CA ALA C 10 19.62 36.75 10.96
C ALA C 10 19.81 35.26 10.76
N GLN C 11 19.08 34.67 9.82
CA GLN C 11 19.24 33.24 9.53
C GLN C 11 20.64 32.95 8.99
N ALA C 12 21.14 33.82 8.12
CA ALA C 12 22.50 33.63 7.58
C ALA C 12 23.54 33.74 8.69
N ARG C 13 23.34 34.67 9.62
CA ARG C 13 24.28 34.80 10.74
C ARG C 13 24.25 33.57 11.64
N LYS C 14 23.05 33.03 11.90
CA LYS C 14 22.96 31.82 12.68
C LYS C 14 23.64 30.65 11.98
N LEU C 15 23.45 30.54 10.66
CA LEU C 15 24.10 29.48 9.91
C LEU C 15 25.62 29.63 9.95
N VAL C 16 26.11 30.87 9.84
CA VAL C 16 27.54 31.11 9.89
C VAL C 16 28.11 30.75 11.26
N GLU C 17 27.39 31.11 12.32
CA GLU C 17 27.85 30.77 13.67
C GLU C 17 27.88 29.26 13.86
N GLN C 18 26.86 28.55 13.35
CA GLN C 18 26.86 27.10 13.44
C GLN C 18 28.02 26.50 12.66
N LEU C 19 28.29 27.02 11.46
CA LEU C 19 29.41 26.52 10.68
C LEU C 19 30.74 26.76 11.39
N LYS C 20 30.90 27.92 12.01
CA LYS C 20 32.12 28.19 12.77
C LYS C 20 32.24 27.26 13.96
N MET C 21 31.12 26.96 14.63
CA MET C 21 31.16 26.04 15.75
C MET C 21 31.56 24.63 15.31
N GLU C 22 31.04 24.17 14.18
CA GLU C 22 31.36 22.82 13.73
C GLU C 22 32.68 22.74 12.97
N ALA C 23 33.28 23.87 12.61
CA ALA C 23 34.56 23.85 11.93
C ALA C 23 35.74 23.72 12.88
N ASN C 24 35.51 23.93 14.18
CA ASN C 24 36.56 23.82 15.18
C ASN C 24 36.67 22.44 15.79
N ILE C 25 35.87 21.47 15.31
CA ILE C 25 35.89 20.13 15.88
C ILE C 25 37.19 19.45 15.51
N ASP C 26 37.86 18.86 16.49
CA ASP C 26 39.06 18.08 16.25
C ASP C 26 38.69 16.76 15.60
N ARG C 27 39.28 16.47 14.45
CA ARG C 27 38.94 15.30 13.65
C ARG C 27 40.12 14.35 13.61
N ILE C 28 39.87 13.07 13.95
CA ILE C 28 40.88 12.03 13.88
C ILE C 28 40.96 11.53 12.45
N LYS C 29 42.01 10.76 12.14
CA LYS C 29 42.15 10.20 10.81
C LYS C 29 41.06 9.16 10.56
N VAL C 30 40.60 9.09 9.32
CA VAL C 30 39.59 8.09 8.96
C VAL C 30 40.16 6.69 9.11
N SER C 31 41.47 6.54 8.93
CA SER C 31 42.09 5.24 9.15
C SER C 31 41.93 4.80 10.60
N LYS C 32 42.13 5.71 11.55
CA LYS C 32 41.97 5.36 12.96
C LYS C 32 40.52 5.04 13.29
N ALA C 33 39.58 5.79 12.71
CA ALA C 33 38.17 5.51 12.93
C ALA C 33 37.77 4.15 12.39
N ALA C 34 38.24 3.81 11.19
CA ALA C 34 37.98 2.50 10.62
C ALA C 34 38.61 1.40 11.48
N ALA C 35 39.82 1.64 11.98
CA ALA C 35 40.46 0.67 12.85
C ALA C 35 39.66 0.47 14.14
N ASP C 36 39.10 1.54 14.69
CA ASP C 36 38.30 1.41 15.89
C ASP C 36 37.02 0.63 15.63
N LEU C 37 36.36 0.90 14.50
CA LEU C 37 35.17 0.12 14.14
C LEU C 37 35.52 -1.35 13.94
N MET C 38 36.66 -1.64 13.31
CA MET C 38 37.14 -3.01 13.18
C MET C 38 37.38 -3.63 14.55
N ALA C 39 38.00 -2.89 15.46
CA ALA C 39 38.26 -3.40 16.79
C ALA C 39 36.95 -3.76 17.49
N TYR C 40 35.93 -2.93 17.32
CA TYR C 40 34.64 -3.23 17.92
C TYR C 40 33.99 -4.45 17.29
N CYS C 41 34.10 -4.58 15.96
CA CYS C 41 33.39 -5.66 15.28
C CYS C 41 34.02 -7.02 15.59
N GLU C 42 35.34 -7.14 15.46
CA GLU C 42 35.99 -8.39 15.89
C GLU C 42 35.97 -8.56 17.41
N ALA C 43 35.91 -7.47 18.17
CA ALA C 43 35.84 -7.60 19.62
C ALA C 43 34.54 -8.27 20.06
N HIS C 44 33.42 -7.91 19.45
CA HIS C 44 32.11 -8.41 19.83
C HIS C 44 31.54 -9.40 18.82
N ALA C 45 32.39 -9.96 17.95
CA ALA C 45 31.90 -10.88 16.93
C ALA C 45 31.32 -12.14 17.55
N LYS C 46 31.96 -12.66 18.60
CA LYS C 46 31.51 -13.89 19.24
C LYS C 46 30.21 -13.72 20.01
N GLU C 47 29.82 -12.50 20.34
CA GLU C 47 28.59 -12.23 21.07
C GLU C 47 27.47 -11.73 20.18
N ASP C 48 27.56 -11.96 18.87
CA ASP C 48 26.53 -11.50 17.93
C ASP C 48 25.71 -12.70 17.46
N PRO C 49 24.49 -12.87 17.95
CA PRO C 49 23.67 -14.01 17.51
C PRO C 49 23.36 -14.00 16.03
N LEU C 50 23.22 -12.82 15.42
CA LEU C 50 22.86 -12.77 14.00
C LEU C 50 24.04 -13.13 13.11
N LEU C 51 25.25 -12.80 13.54
CA LEU C 51 26.44 -13.17 12.77
C LEU C 51 26.76 -14.64 12.95
N THR C 52 27.08 -15.06 14.17
CA THR C 52 27.35 -16.46 14.46
C THR C 52 26.03 -17.16 14.71
N PRO C 53 25.62 -18.10 13.87
CA PRO C 53 24.32 -18.77 14.06
C PRO C 53 24.25 -19.44 15.42
N VAL C 54 23.37 -18.92 16.27
CA VAL C 54 23.25 -19.40 17.65
C VAL C 54 22.72 -20.83 17.60
N PRO C 55 23.16 -21.71 18.51
CA PRO C 55 22.57 -23.04 18.57
C PRO C 55 21.08 -22.98 18.88
N ALA C 56 20.34 -23.95 18.34
CA ALA C 56 18.90 -23.99 18.57
C ALA C 56 18.54 -24.19 20.03
N SER C 57 19.45 -24.78 20.82
CA SER C 57 19.15 -25.02 22.23
C SER C 57 18.99 -23.72 23.00
N GLU C 58 19.87 -22.75 22.75
CA GLU C 58 19.86 -21.48 23.46
C GLU C 58 19.23 -20.36 22.64
N ASN C 59 18.36 -20.71 21.69
CA ASN C 59 17.69 -19.73 20.85
C ASN C 59 16.25 -19.59 21.33
N PRO C 60 15.83 -18.42 21.80
CA PRO C 60 14.43 -18.27 22.23
C PRO C 60 13.43 -18.34 21.08
N PHE C 61 13.90 -18.26 19.84
CA PHE C 61 13.02 -18.36 18.69
C PHE C 61 13.33 -19.63 17.90
N GLN D 24 27.20 17.19 -0.33
CA GLN D 24 26.23 18.24 -0.06
C GLN D 24 25.51 18.65 -1.35
N VAL D 25 24.18 18.61 -1.30
CA VAL D 25 23.37 18.96 -2.47
C VAL D 25 23.38 20.47 -2.62
N GLN D 26 24.00 20.97 -3.69
CA GLN D 26 24.09 22.40 -3.95
C GLN D 26 23.58 22.68 -5.36
N LEU D 27 22.73 23.69 -5.48
CA LEU D 27 22.15 24.09 -6.77
C LEU D 27 22.40 25.58 -6.92
N GLN D 28 23.45 25.95 -7.65
CA GLN D 28 23.84 27.33 -7.82
C GLN D 28 23.43 27.81 -9.21
N GLU D 29 22.58 28.82 -9.25
CA GLU D 29 22.06 29.37 -10.49
C GLU D 29 22.67 30.74 -10.78
N SER D 30 22.80 31.06 -12.06
CA SER D 30 23.39 32.33 -12.46
C SER D 30 22.83 32.73 -13.82
N GLY D 31 22.90 34.02 -14.10
CA GLY D 31 22.49 34.58 -15.38
C GLY D 31 21.52 35.73 -15.31
N GLY D 32 20.93 36.01 -14.15
CA GLY D 32 19.93 37.05 -14.06
C GLY D 32 20.52 38.44 -14.12
N GLY D 33 19.63 39.41 -14.31
CA GLY D 33 20.04 40.80 -14.38
C GLY D 33 18.96 41.65 -14.99
N LEU D 34 19.33 42.91 -15.22
CA LEU D 34 18.42 43.88 -15.80
C LEU D 34 18.42 43.73 -17.32
N VAL D 35 17.25 43.50 -17.89
CA VAL D 35 17.09 43.41 -19.34
C VAL D 35 15.76 44.05 -19.73
N GLN D 36 15.78 44.78 -20.85
CA GLN D 36 14.61 45.49 -21.31
C GLN D 36 13.51 44.51 -21.71
N PRO D 37 12.25 44.96 -21.70
CA PRO D 37 11.16 44.09 -22.16
C PRO D 37 11.40 43.64 -23.58
N GLY D 38 11.02 42.39 -23.87
CA GLY D 38 11.34 41.81 -25.15
C GLY D 38 12.80 41.39 -25.26
N GLY D 39 13.48 41.21 -24.13
CA GLY D 39 14.86 40.80 -24.11
C GLY D 39 15.00 39.31 -23.85
N SER D 40 16.26 38.87 -23.77
CA SER D 40 16.58 37.47 -23.64
C SER D 40 17.59 37.25 -22.53
N LEU D 41 17.35 36.25 -21.69
CA LEU D 41 18.29 35.84 -20.65
C LEU D 41 18.37 34.32 -20.64
N ARG D 42 19.56 33.80 -20.34
CA ARG D 42 19.75 32.37 -20.16
C ARG D 42 20.17 32.12 -18.71
N LEU D 43 19.36 31.37 -17.99
CA LEU D 43 19.61 31.07 -16.58
C LEU D 43 20.17 29.66 -16.47
N SER D 44 21.41 29.56 -16.02
CA SER D 44 22.08 28.28 -15.83
C SER D 44 21.88 27.79 -14.40
N CYS D 45 22.33 26.57 -14.16
CA CYS D 45 22.24 25.96 -12.83
C CYS D 45 23.37 24.96 -12.69
N ALA D 46 24.42 25.35 -11.97
CA ALA D 46 25.54 24.45 -11.70
C ALA D 46 25.13 23.53 -10.55
N ALA D 47 24.67 22.33 -10.89
CA ALA D 47 24.20 21.37 -9.90
C ALA D 47 25.36 20.47 -9.49
N SER D 48 25.41 20.14 -8.20
CA SER D 48 26.47 19.31 -7.66
C SER D 48 25.96 18.59 -6.41
N GLY D 49 26.68 17.54 -6.04
CA GLY D 49 26.34 16.77 -4.86
C GLY D 49 25.34 15.66 -5.06
N PHE D 50 24.89 15.43 -6.29
CA PHE D 50 23.95 14.35 -6.56
C PHE D 50 24.08 13.93 -8.01
N THR D 51 23.57 12.73 -8.30
CA THR D 51 23.51 12.24 -9.67
C THR D 51 22.46 13.04 -10.42
N PHE D 52 22.91 13.97 -11.26
CA PHE D 52 22.01 14.89 -11.93
C PHE D 52 21.04 14.19 -12.88
N SER D 53 21.40 13.03 -13.38
CA SER D 53 20.59 12.35 -14.39
C SER D 53 19.43 11.55 -13.80
N ASN D 54 19.33 11.45 -12.48
CA ASN D 54 18.27 10.69 -11.84
C ASN D 54 17.14 11.55 -11.31
N TYR D 55 17.20 12.86 -11.49
CA TYR D 55 16.26 13.77 -10.87
C TYR D 55 15.59 14.64 -11.93
N LYS D 56 14.31 14.93 -11.71
CA LYS D 56 13.53 15.78 -12.60
C LYS D 56 13.65 17.22 -12.11
N MET D 57 14.41 18.03 -12.82
CA MET D 57 14.69 19.39 -12.39
C MET D 57 13.54 20.32 -12.76
N ASN D 58 13.45 21.43 -12.03
CA ASN D 58 12.38 22.40 -12.19
C ASN D 58 12.96 23.80 -12.19
N TRP D 59 12.12 24.76 -12.58
CA TRP D 59 12.43 26.18 -12.48
C TRP D 59 11.28 26.86 -11.76
N VAL D 60 11.60 27.57 -10.69
CA VAL D 60 10.59 28.19 -9.82
C VAL D 60 10.95 29.66 -9.65
N ARG D 61 9.95 30.53 -9.76
CA ARG D 61 10.15 31.96 -9.60
C ARG D 61 9.26 32.49 -8.48
N GLN D 62 9.81 33.46 -7.74
CA GLN D 62 9.07 34.16 -6.69
C GLN D 62 9.03 35.63 -7.08
N ALA D 63 7.88 36.08 -7.58
CA ALA D 63 7.73 37.48 -7.92
C ALA D 63 7.70 38.33 -6.65
N PRO D 64 8.13 39.59 -6.74
CA PRO D 64 8.08 40.46 -5.55
C PRO D 64 6.66 40.60 -5.03
N GLY D 65 6.45 40.13 -3.81
CA GLY D 65 5.15 40.17 -3.18
C GLY D 65 4.24 39.03 -3.51
N LYS D 66 4.71 38.02 -4.23
CA LYS D 66 3.91 36.86 -4.58
C LYS D 66 4.59 35.59 -4.08
N GLY D 67 3.80 34.53 -3.98
CA GLY D 67 4.33 33.26 -3.54
C GLY D 67 5.13 32.57 -4.64
N LEU D 68 5.83 31.51 -4.24
CA LEU D 68 6.65 30.76 -5.18
C LEU D 68 5.76 30.11 -6.24
N GLU D 69 6.18 30.23 -7.49
CA GLU D 69 5.41 29.73 -8.63
C GLU D 69 6.30 28.87 -9.50
N TRP D 70 5.81 27.68 -9.84
CA TRP D 70 6.53 26.77 -10.72
C TRP D 70 6.45 27.25 -12.16
N VAL D 71 7.60 27.30 -12.83
CA VAL D 71 7.68 27.81 -14.20
C VAL D 71 7.77 26.68 -15.21
N SER D 72 8.74 25.79 -15.04
CA SER D 72 8.92 24.69 -15.99
C SER D 72 9.63 23.55 -15.28
N ASP D 73 9.56 22.37 -15.90
CA ASP D 73 10.28 21.21 -15.42
C ASP D 73 10.80 20.41 -16.60
N ILE D 74 11.87 19.65 -16.36
CA ILE D 74 12.47 18.77 -17.35
C ILE D 74 12.69 17.41 -16.71
N SER D 75 12.49 16.35 -17.48
CA SER D 75 12.61 15.01 -16.96
C SER D 75 14.08 14.65 -16.79
N GLN D 76 14.36 13.39 -16.44
CA GLN D 76 15.73 12.93 -16.30
C GLN D 76 16.51 13.06 -17.61
N SER D 77 15.83 12.92 -18.73
CA SER D 77 16.38 13.17 -20.05
C SER D 77 15.78 14.46 -20.59
N GLY D 78 16.09 14.77 -21.85
CA GLY D 78 15.55 15.97 -22.47
C GLY D 78 14.06 15.91 -22.75
N ALA D 79 13.45 14.74 -22.65
CA ALA D 79 12.04 14.58 -22.93
C ALA D 79 11.21 15.09 -21.76
N SER D 80 9.89 15.12 -21.96
CA SER D 80 8.93 15.54 -20.94
C SER D 80 9.23 16.94 -20.40
N ILE D 81 9.24 17.90 -21.32
CA ILE D 81 9.43 19.30 -20.98
C ILE D 81 8.05 19.93 -20.87
N SER D 82 7.72 20.46 -19.69
CA SER D 82 6.43 21.09 -19.44
C SER D 82 6.64 22.48 -18.87
N TYR D 83 5.80 23.42 -19.31
CA TYR D 83 5.91 24.81 -18.93
C TYR D 83 4.59 25.30 -18.35
N THR D 84 4.67 26.32 -17.49
CA THR D 84 3.48 27.01 -17.05
C THR D 84 2.90 27.82 -18.20
N GLY D 85 1.61 28.12 -18.10
CA GLY D 85 0.94 28.80 -19.20
C GLY D 85 1.53 30.16 -19.51
N SER D 86 1.98 30.87 -18.48
CA SER D 86 2.49 32.22 -18.69
C SER D 86 3.77 32.21 -19.52
N VAL D 87 4.58 31.15 -19.42
CA VAL D 87 5.88 31.09 -20.07
C VAL D 87 5.87 30.24 -21.33
N LYS D 88 4.73 29.67 -21.70
CA LYS D 88 4.68 28.81 -22.88
C LYS D 88 5.00 29.61 -24.14
N GLY D 89 5.83 29.02 -25.00
CA GLY D 89 6.17 29.60 -26.27
C GLY D 89 7.36 30.53 -26.26
N ARG D 90 7.79 31.00 -25.08
CA ARG D 90 8.92 31.90 -24.99
C ARG D 90 10.00 31.46 -24.01
N PHE D 91 9.73 30.48 -23.16
CA PHE D 91 10.73 29.90 -22.29
C PHE D 91 11.04 28.49 -22.77
N THR D 92 12.33 28.16 -22.86
CA THR D 92 12.76 26.82 -23.20
C THR D 92 13.67 26.29 -22.11
N ILE D 93 13.27 25.19 -21.49
CA ILE D 93 14.10 24.54 -20.49
C ILE D 93 15.01 23.55 -21.19
N SER D 94 16.22 23.41 -20.67
CA SER D 94 17.21 22.52 -21.26
C SER D 94 18.08 21.96 -20.13
N ARG D 95 18.57 20.74 -20.33
CA ARG D 95 19.39 20.05 -19.35
C ARG D 95 20.58 19.43 -20.03
N ASP D 96 21.76 19.63 -19.46
CA ASP D 96 23.01 19.02 -19.94
C ASP D 96 23.53 18.13 -18.83
N ASN D 97 23.15 16.85 -18.88
CA ASN D 97 23.54 15.92 -17.82
C ASN D 97 25.05 15.75 -17.75
N ALA D 98 25.74 15.87 -18.88
CA ALA D 98 27.20 15.72 -18.88
C ALA D 98 27.85 16.83 -18.05
N LYS D 99 27.36 18.06 -18.18
CA LYS D 99 27.93 19.19 -17.46
C LYS D 99 27.18 19.52 -16.18
N ASN D 100 26.15 18.73 -15.83
CA ASN D 100 25.36 18.95 -14.62
C ASN D 100 24.80 20.37 -14.58
N THR D 101 24.26 20.82 -15.70
CA THR D 101 23.76 22.18 -15.84
C THR D 101 22.32 22.15 -16.32
N LEU D 102 21.47 22.94 -15.67
CA LEU D 102 20.09 23.13 -16.08
C LEU D 102 19.94 24.54 -16.62
N TYR D 103 19.37 24.66 -17.82
CA TYR D 103 19.26 25.93 -18.50
C TYR D 103 17.80 26.36 -18.61
N LEU D 104 17.61 27.65 -18.86
CA LEU D 104 16.30 28.23 -19.10
C LEU D 104 16.47 29.44 -20.00
N GLN D 105 16.15 29.29 -21.28
CA GLN D 105 16.25 30.38 -22.24
C GLN D 105 14.90 31.10 -22.27
N MET D 106 14.88 32.34 -21.77
CA MET D 106 13.67 33.15 -21.75
C MET D 106 13.74 34.19 -22.86
N ASN D 107 12.77 34.15 -23.76
CA ASN D 107 12.65 35.11 -24.84
C ASN D 107 11.41 35.98 -24.63
N SER D 108 11.41 37.13 -25.29
CA SER D 108 10.29 38.08 -25.26
C SER D 108 9.80 38.30 -23.83
N LEU D 109 10.73 38.67 -22.96
CA LEU D 109 10.39 38.84 -21.55
C LEU D 109 9.45 40.02 -21.36
N LYS D 110 8.40 39.80 -20.60
CA LYS D 110 7.41 40.75 -20.16
C LYS D 110 7.72 41.21 -18.74
N PRO D 111 7.31 42.42 -18.36
CA PRO D 111 7.59 42.89 -17.00
C PRO D 111 7.00 41.99 -15.91
N GLU D 112 5.99 41.18 -16.24
CA GLU D 112 5.47 40.21 -15.28
C GLU D 112 6.50 39.16 -14.91
N ASP D 113 7.56 38.99 -15.70
CA ASP D 113 8.54 37.95 -15.44
C ASP D 113 9.60 38.36 -14.44
N THR D 114 9.54 39.58 -13.91
CA THR D 114 10.45 39.98 -12.85
C THR D 114 10.24 39.13 -11.61
N ALA D 115 11.23 38.32 -11.26
CA ALA D 115 11.13 37.42 -10.13
C ALA D 115 12.53 36.89 -9.81
N VAL D 116 12.63 36.15 -8.71
CA VAL D 116 13.84 35.43 -8.36
C VAL D 116 13.65 33.99 -8.81
N TYR D 117 14.48 33.53 -9.73
CA TYR D 117 14.30 32.24 -10.35
C TYR D 117 15.15 31.20 -9.64
N TYR D 118 14.51 30.17 -9.12
CA TYR D 118 15.16 29.09 -8.42
C TYR D 118 15.11 27.81 -9.25
N CYS D 119 16.15 27.00 -9.15
CA CYS D 119 16.27 25.74 -9.87
C CYS D 119 16.09 24.61 -8.87
N ALA D 120 14.86 24.12 -8.75
CA ALA D 120 14.55 23.08 -7.79
C ALA D 120 14.62 21.70 -8.45
N ARG D 121 15.02 20.70 -7.67
CA ARG D 121 15.08 19.33 -8.13
C ARG D 121 14.07 18.48 -7.40
N CYS D 122 13.84 17.28 -7.93
CA CYS D 122 12.91 16.35 -7.30
C CYS D 122 13.40 15.97 -5.92
N PRO D 123 12.50 15.76 -4.96
CA PRO D 123 12.94 15.23 -3.66
C PRO D 123 13.59 13.87 -3.77
N ALA D 124 13.12 13.02 -4.68
CA ALA D 124 13.57 11.65 -4.81
C ALA D 124 14.02 11.37 -6.23
N PRO D 125 14.92 10.42 -6.42
CA PRO D 125 15.36 10.09 -7.78
C PRO D 125 14.44 9.10 -8.46
N PHE D 126 14.38 9.23 -9.79
CA PHE D 126 13.65 8.29 -10.64
C PHE D 126 12.18 8.19 -10.24
N THR D 127 11.56 9.35 -10.03
CA THR D 127 10.16 9.42 -9.63
C THR D 127 9.41 10.34 -10.59
N ARG D 128 8.10 10.10 -10.71
CA ARG D 128 7.23 10.88 -11.57
C ARG D 128 6.50 11.98 -10.81
N ASP D 129 6.92 12.27 -9.59
CA ASP D 129 6.21 13.22 -8.74
C ASP D 129 7.17 14.30 -8.26
N CYS D 130 6.69 15.54 -8.26
CA CYS D 130 7.38 16.69 -7.70
C CYS D 130 6.47 17.29 -6.64
N PHE D 131 6.56 16.76 -5.41
CA PHE D 131 5.61 17.18 -4.37
C PHE D 131 5.91 18.59 -3.88
N ASP D 132 7.07 18.80 -3.29
CA ASP D 132 7.39 20.03 -2.58
C ASP D 132 8.54 20.70 -3.31
N VAL D 133 8.23 21.52 -4.31
CA VAL D 133 9.23 22.17 -5.11
C VAL D 133 8.99 23.67 -5.04
N THR D 134 7.74 24.06 -4.80
CA THR D 134 7.36 25.45 -4.61
C THR D 134 7.19 25.78 -3.13
N SER D 135 7.59 24.89 -2.24
CA SER D 135 7.44 25.10 -0.82
C SER D 135 8.30 26.27 -0.34
N THR D 136 7.85 26.92 0.73
CA THR D 136 8.53 28.11 1.22
C THR D 136 9.96 27.80 1.64
N THR D 137 10.18 26.65 2.28
CA THR D 137 11.51 26.23 2.72
C THR D 137 11.74 24.81 2.20
N TYR D 138 12.22 24.70 0.96
CA TYR D 138 12.52 23.42 0.34
C TYR D 138 14.03 23.21 0.34
N ALA D 139 14.45 21.96 0.60
CA ALA D 139 15.86 21.67 0.81
C ALA D 139 16.68 21.93 -0.46
N TYR D 140 16.20 21.48 -1.61
CA TYR D 140 16.96 21.54 -2.86
C TYR D 140 16.24 22.48 -3.82
N ARG D 141 16.50 23.78 -3.69
CA ARG D 141 15.92 24.75 -4.60
C ARG D 141 16.95 25.72 -5.14
N GLY D 142 18.01 25.95 -4.38
CA GLY D 142 19.01 26.92 -4.79
C GLY D 142 18.77 28.29 -4.16
N GLN D 143 19.85 29.07 -4.06
CA GLN D 143 19.77 30.39 -3.46
C GLN D 143 18.87 31.31 -4.26
N GLY D 144 19.00 31.29 -5.58
CA GLY D 144 18.15 32.10 -6.43
C GLY D 144 18.91 33.10 -7.28
N THR D 145 18.37 33.40 -8.45
CA THR D 145 18.91 34.42 -9.33
C THR D 145 17.80 35.39 -9.69
N GLN D 146 18.12 36.68 -9.68
CA GLN D 146 17.12 37.73 -9.87
C GLN D 146 17.15 38.22 -11.29
N VAL D 147 16.02 38.16 -11.96
CA VAL D 147 15.83 38.81 -13.25
C VAL D 147 14.88 39.98 -13.00
N THR D 148 15.21 41.14 -13.54
CA THR D 148 14.42 42.34 -13.37
C THR D 148 14.23 42.96 -14.75
N VAL D 149 13.06 42.73 -15.33
CA VAL D 149 12.74 43.22 -16.67
C VAL D 149 11.92 44.50 -16.53
N SER D 150 12.42 45.58 -17.12
CA SER D 150 11.76 46.87 -17.04
C SER D 150 12.30 47.82 -18.10
N ASP E 12 -27.80 -51.30 -21.94
CA ASP E 12 -26.49 -51.72 -22.44
C ASP E 12 -25.42 -50.97 -21.67
N SER E 13 -24.40 -51.70 -21.21
CA SER E 13 -23.21 -51.12 -20.61
C SER E 13 -21.95 -51.38 -21.42
N ARG E 14 -21.99 -52.32 -22.37
CA ARG E 14 -20.85 -52.64 -23.22
C ARG E 14 -21.13 -52.31 -24.68
N VAL E 15 -21.97 -51.32 -24.95
CA VAL E 15 -22.23 -50.88 -26.32
C VAL E 15 -21.78 -49.44 -26.47
N ASP E 16 -22.38 -48.54 -25.68
CA ASP E 16 -21.95 -47.14 -25.63
C ASP E 16 -20.84 -46.98 -24.59
N HIS E 17 -19.70 -47.61 -24.88
CA HIS E 17 -18.60 -47.71 -23.94
C HIS E 17 -17.27 -47.32 -24.58
N LEU E 18 -17.30 -46.42 -25.55
CA LEU E 18 -16.10 -45.95 -26.21
C LEU E 18 -15.82 -44.48 -25.94
N PHE E 19 -16.80 -43.61 -26.20
CA PHE E 19 -16.64 -42.19 -25.88
C PHE E 19 -16.50 -41.93 -24.38
N PRO E 20 -17.33 -42.52 -23.50
CA PRO E 20 -17.20 -42.22 -22.07
C PRO E 20 -15.83 -42.55 -21.50
N PRO E 21 -15.26 -43.73 -21.75
CA PRO E 21 -13.94 -44.02 -21.14
C PRO E 21 -12.83 -43.11 -21.62
N SER E 22 -12.74 -42.86 -22.93
CA SER E 22 -11.71 -41.98 -23.45
C SER E 22 -11.88 -40.56 -22.91
N LEU E 23 -13.13 -40.09 -22.84
CA LEU E 23 -13.37 -38.75 -22.32
C LEU E 23 -12.99 -38.67 -20.85
N TYR E 24 -13.30 -39.71 -20.08
CA TYR E 24 -12.93 -39.71 -18.67
C TYR E 24 -11.41 -39.73 -18.51
N ILE E 25 -10.71 -40.42 -19.41
CA ILE E 25 -9.24 -40.39 -19.41
C ILE E 25 -8.75 -38.97 -19.66
N PHE E 26 -9.38 -38.28 -20.62
CA PHE E 26 -9.04 -36.88 -20.87
C PHE E 26 -9.24 -36.03 -19.62
N VAL E 27 -10.37 -36.24 -18.94
CA VAL E 27 -10.68 -35.46 -17.75
C VAL E 27 -9.64 -35.70 -16.67
N ILE E 28 -9.31 -36.96 -16.41
CA ILE E 28 -8.27 -37.25 -15.43
C ILE E 28 -6.95 -36.60 -15.85
N GLY E 29 -6.64 -36.61 -17.15
CA GLY E 29 -5.38 -36.07 -17.59
C GLY E 29 -5.26 -34.57 -17.39
N VAL E 30 -6.32 -33.83 -17.70
CA VAL E 30 -6.23 -32.37 -17.72
C VAL E 30 -6.76 -31.75 -16.44
N GLY E 31 -7.87 -32.23 -15.89
CA GLY E 31 -8.46 -31.58 -14.73
C GLY E 31 -7.59 -31.70 -13.49
N LEU E 32 -7.00 -32.88 -13.27
CA LEU E 32 -6.25 -33.10 -12.03
C LEU E 32 -5.13 -32.08 -11.82
N PRO E 33 -4.25 -31.82 -12.80
CA PRO E 33 -3.27 -30.75 -12.58
C PRO E 33 -3.91 -29.38 -12.50
N THR E 34 -4.86 -29.08 -13.39
CA THR E 34 -5.51 -27.78 -13.35
C THR E 34 -6.28 -27.59 -12.05
N ASN E 35 -6.87 -28.65 -11.53
CA ASN E 35 -7.58 -28.53 -10.25
C ASN E 35 -6.61 -28.41 -9.08
N CYS E 36 -5.43 -29.02 -9.16
CA CYS E 36 -4.42 -28.79 -8.13
C CYS E 36 -3.98 -27.33 -8.11
N LEU E 37 -3.72 -26.76 -9.28
CA LEU E 37 -3.40 -25.33 -9.35
C LEU E 37 -4.56 -24.46 -8.89
N ALA E 38 -5.79 -24.87 -9.20
CA ALA E 38 -6.96 -24.12 -8.73
C ALA E 38 -7.03 -24.14 -7.21
N LEU E 39 -6.78 -25.29 -6.60
CA LEU E 39 -6.76 -25.38 -5.14
C LEU E 39 -5.67 -24.51 -4.56
N TRP E 40 -4.50 -24.50 -5.18
CA TRP E 40 -3.41 -23.64 -4.70
C TRP E 40 -3.80 -22.17 -4.78
N ALA E 41 -4.42 -21.77 -5.90
CA ALA E 41 -4.85 -20.38 -6.05
C ALA E 41 -5.90 -20.01 -5.02
N ALA E 42 -6.83 -20.94 -4.75
CA ALA E 42 -7.84 -20.69 -3.73
C ALA E 42 -7.21 -20.54 -2.35
N TYR E 43 -6.22 -21.38 -2.04
CA TYR E 43 -5.53 -21.24 -0.76
C TYR E 43 -4.82 -19.90 -0.67
N ARG E 44 -4.19 -19.47 -1.76
CA ARG E 44 -3.54 -18.17 -1.78
C ARG E 44 -4.56 -17.05 -1.55
N GLN E 45 -5.74 -17.18 -2.16
CA GLN E 45 -6.80 -16.19 -1.94
C GLN E 45 -7.24 -16.17 -0.48
N VAL E 46 -7.40 -17.35 0.13
CA VAL E 46 -7.82 -17.41 1.52
C VAL E 46 -6.77 -16.78 2.42
N GLN E 47 -5.49 -17.04 2.13
CA GLN E 47 -4.41 -16.41 2.89
C GLN E 47 -4.45 -14.89 2.74
N GLN E 48 -5.03 -14.39 1.66
CA GLN E 48 -5.26 -12.97 1.48
C GLN E 48 -6.60 -12.50 2.03
N ARG E 49 -7.25 -13.34 2.83
CA ARG E 49 -8.54 -13.01 3.46
C ARG E 49 -9.61 -12.70 2.41
N ASN E 50 -9.69 -13.54 1.39
CA ASN E 50 -10.67 -13.43 0.32
C ASN E 50 -11.74 -14.48 0.51
N GLU E 51 -13.00 -14.05 0.57
CA GLU E 51 -14.11 -14.97 0.78
C GLU E 51 -14.32 -15.88 -0.42
N LEU E 52 -13.98 -15.41 -1.62
CA LEU E 52 -14.10 -16.23 -2.82
C LEU E 52 -13.16 -17.42 -2.76
N GLY E 53 -12.07 -17.28 -2.00
CA GLY E 53 -11.11 -18.37 -1.92
C GLY E 53 -11.69 -19.64 -1.32
N VAL E 54 -12.54 -19.48 -0.30
CA VAL E 54 -13.16 -20.65 0.33
C VAL E 54 -14.04 -21.39 -0.66
N TYR E 55 -14.87 -20.64 -1.39
CA TYR E 55 -15.76 -21.25 -2.37
C TYR E 55 -14.98 -21.94 -3.47
N LEU E 56 -13.93 -21.29 -3.97
CA LEU E 56 -13.12 -21.90 -5.02
C LEU E 56 -12.38 -23.12 -4.50
N MET E 57 -11.93 -23.08 -3.24
CA MET E 57 -11.24 -24.21 -2.64
C MET E 57 -12.16 -25.43 -2.54
N ASN E 58 -13.39 -25.21 -2.06
CA ASN E 58 -14.33 -26.31 -1.96
C ASN E 58 -14.72 -26.83 -3.34
N LEU E 59 -14.85 -25.93 -4.32
CA LEU E 59 -15.17 -26.35 -5.68
C LEU E 59 -14.05 -27.22 -6.25
N SER E 60 -12.80 -26.81 -6.05
CA SER E 60 -11.68 -27.60 -6.54
C SER E 60 -11.57 -28.92 -5.80
N ILE E 61 -11.92 -28.94 -4.51
CA ILE E 61 -11.92 -30.18 -3.74
C ILE E 61 -12.94 -31.16 -4.31
N ALA E 62 -14.14 -30.66 -4.63
CA ALA E 62 -15.16 -31.51 -5.22
C ALA E 62 -14.73 -32.03 -6.58
N ASP E 63 -14.13 -31.16 -7.40
CA ASP E 63 -13.65 -31.60 -8.71
C ASP E 63 -12.56 -32.66 -8.56
N LEU E 64 -11.67 -32.47 -7.58
CA LEU E 64 -10.62 -33.47 -7.32
C LEU E 64 -11.22 -34.79 -6.87
N LEU E 65 -12.27 -34.73 -6.03
CA LEU E 65 -12.95 -35.94 -5.61
C LEU E 65 -13.50 -36.71 -6.81
N TYR E 66 -14.21 -36.00 -7.70
CA TYR E 66 -14.78 -36.66 -8.87
C TYR E 66 -13.68 -37.21 -9.77
N ILE E 67 -12.59 -36.46 -9.94
CA ILE E 67 -11.51 -36.91 -10.80
C ILE E 67 -10.84 -38.16 -10.22
N CYS E 68 -10.61 -38.18 -8.91
CA CYS E 68 -10.00 -39.33 -8.26
C CYS E 68 -10.93 -40.53 -8.21
N THR E 69 -12.24 -40.32 -8.32
CA THR E 69 -13.16 -41.45 -8.45
C THR E 69 -13.30 -41.93 -9.88
N LEU E 70 -12.98 -41.07 -10.85
CA LEU E 70 -13.06 -41.46 -12.26
C LEU E 70 -12.27 -42.72 -12.61
N PRO E 71 -11.03 -42.94 -12.12
CA PRO E 71 -10.28 -44.13 -12.55
C PRO E 71 -11.01 -45.43 -12.26
N LEU E 72 -11.79 -45.46 -11.18
CA LEU E 72 -12.58 -46.65 -10.89
C LEU E 72 -13.56 -46.94 -12.03
N TRP E 73 -14.20 -45.89 -12.57
CA TRP E 73 -15.15 -46.11 -13.66
C TRP E 73 -14.43 -46.37 -14.97
N VAL E 74 -13.23 -45.83 -15.14
CA VAL E 74 -12.42 -46.20 -16.31
C VAL E 74 -12.09 -47.68 -16.27
N ASP E 75 -11.72 -48.19 -15.09
CA ASP E 75 -11.47 -49.62 -14.93
C ASP E 75 -12.73 -50.43 -15.12
N TYR E 76 -13.88 -49.93 -14.65
CA TYR E 76 -15.15 -50.60 -14.89
C TYR E 76 -15.42 -50.72 -16.37
N PHE E 77 -15.04 -49.71 -17.14
CA PHE E 77 -15.04 -49.86 -18.60
C PHE E 77 -14.08 -50.96 -19.03
N LEU E 78 -12.87 -50.97 -18.45
CA LEU E 78 -11.88 -51.97 -18.86
C LEU E 78 -12.33 -53.38 -18.48
N HIS E 79 -12.88 -53.55 -17.28
CA HIS E 79 -13.34 -54.86 -16.84
C HIS E 79 -14.71 -55.22 -17.41
N HIS E 80 -15.41 -54.28 -18.05
CA HIS E 80 -16.74 -54.51 -18.62
C HIS E 80 -17.67 -55.15 -17.61
N ASP E 81 -18.56 -56.02 -18.10
CA ASP E 81 -19.43 -56.87 -17.29
C ASP E 81 -20.18 -56.00 -16.27
N ASN E 82 -20.06 -56.26 -14.98
CA ASN E 82 -20.77 -55.57 -13.92
C ASN E 82 -19.76 -54.89 -13.01
N TRP E 83 -20.24 -54.34 -11.89
CA TRP E 83 -19.36 -53.67 -10.94
C TRP E 83 -18.52 -54.72 -10.24
N ILE E 84 -17.34 -54.98 -10.80
CA ILE E 84 -16.45 -56.01 -10.28
C ILE E 84 -15.94 -55.66 -8.89
N HIS E 85 -15.88 -54.36 -8.55
CA HIS E 85 -15.26 -53.95 -7.30
C HIS E 85 -16.09 -54.36 -6.09
N GLY E 86 -17.42 -54.33 -6.22
CA GLY E 86 -18.27 -54.80 -5.16
C GLY E 86 -19.50 -53.96 -4.91
N PRO E 87 -20.40 -54.45 -4.05
CA PRO E 87 -21.63 -53.69 -3.78
C PRO E 87 -21.39 -52.39 -3.04
N GLY E 88 -20.63 -52.41 -1.95
CA GLY E 88 -20.36 -51.19 -1.22
C GLY E 88 -19.57 -50.18 -2.03
N SER E 89 -18.58 -50.65 -2.78
CA SER E 89 -17.82 -49.77 -3.66
C SER E 89 -18.75 -49.14 -4.70
N CYS E 90 -19.71 -49.92 -5.20
CA CYS E 90 -20.69 -49.38 -6.13
C CYS E 90 -21.48 -48.24 -5.48
N LYS E 91 -21.91 -48.44 -4.24
CA LYS E 91 -22.66 -47.41 -3.53
C LYS E 91 -21.83 -46.14 -3.37
N LEU E 92 -20.58 -46.28 -2.91
CA LEU E 92 -19.76 -45.11 -2.63
C LEU E 92 -19.42 -44.35 -3.90
N PHE E 93 -18.98 -45.08 -4.93
CA PHE E 93 -18.64 -44.42 -6.19
C PHE E 93 -19.87 -43.85 -6.88
N GLY E 94 -21.04 -44.47 -6.71
CA GLY E 94 -22.26 -43.88 -7.24
C GLY E 94 -22.60 -42.57 -6.55
N PHE E 95 -22.45 -42.53 -5.22
CA PHE E 95 -22.59 -41.26 -4.52
C PHE E 95 -21.65 -40.19 -5.07
N ILE E 96 -20.37 -40.50 -5.16
CA ILE E 96 -19.41 -39.46 -5.53
C ILE E 96 -19.64 -39.06 -6.98
N PHE E 97 -20.12 -40.01 -7.79
CA PHE E 97 -20.26 -39.82 -9.23
C PHE E 97 -21.52 -39.05 -9.58
N TYR E 98 -22.58 -39.18 -8.78
CA TYR E 98 -23.84 -38.50 -9.04
C TYR E 98 -24.13 -37.37 -8.07
N THR E 99 -23.20 -37.04 -7.18
CA THR E 99 -23.46 -35.93 -6.26
C THR E 99 -22.38 -34.86 -6.37
N ASN E 100 -21.21 -35.21 -6.90
CA ASN E 100 -20.17 -34.22 -7.08
C ASN E 100 -20.59 -33.14 -8.08
N ILE E 101 -21.40 -33.52 -9.06
CA ILE E 101 -21.91 -32.55 -10.03
C ILE E 101 -22.77 -31.51 -9.31
N TYR E 102 -23.64 -31.97 -8.42
CA TYR E 102 -24.52 -31.04 -7.71
C TYR E 102 -23.75 -30.22 -6.70
N ILE E 103 -22.72 -30.80 -6.08
CA ILE E 103 -21.87 -30.00 -5.19
C ILE E 103 -21.16 -28.92 -5.96
N SER E 104 -20.64 -29.25 -7.14
CA SER E 104 -19.96 -28.26 -7.96
C SER E 104 -20.91 -27.15 -8.39
N ILE E 105 -22.13 -27.50 -8.78
CA ILE E 105 -23.06 -26.46 -9.23
C ILE E 105 -23.49 -25.59 -8.04
N ALA E 106 -23.61 -26.19 -6.85
CA ALA E 106 -23.94 -25.42 -5.66
C ALA E 106 -22.83 -24.41 -5.35
N PHE E 107 -21.58 -24.85 -5.45
CA PHE E 107 -20.48 -23.93 -5.17
C PHE E 107 -20.33 -22.88 -6.27
N LEU E 108 -20.68 -23.23 -7.51
CA LEU E 108 -20.72 -22.24 -8.57
C LEU E 108 -21.75 -21.16 -8.26
N CYS E 109 -22.93 -21.57 -7.80
CA CYS E 109 -23.95 -20.60 -7.41
C CYS E 109 -23.49 -19.77 -6.22
N CYS E 110 -22.75 -20.38 -5.29
CA CYS E 110 -22.21 -19.63 -4.16
C CYS E 110 -21.23 -18.56 -4.64
N ILE E 111 -20.35 -18.92 -5.58
CA ILE E 111 -19.45 -17.93 -6.17
C ILE E 111 -20.23 -16.82 -6.85
N SER E 112 -21.27 -17.19 -7.58
CA SER E 112 -22.08 -16.19 -8.29
C SER E 112 -22.73 -15.21 -7.32
N VAL E 113 -23.31 -15.72 -6.24
CA VAL E 113 -23.98 -14.86 -5.28
C VAL E 113 -22.98 -13.99 -4.53
N ASP E 114 -21.81 -14.54 -4.21
CA ASP E 114 -20.79 -13.74 -3.55
C ASP E 114 -20.32 -12.60 -4.45
N ARG E 115 -20.12 -12.90 -5.73
CA ARG E 115 -19.71 -11.86 -6.68
C ARG E 115 -20.82 -10.82 -6.85
N TYR E 116 -22.07 -11.25 -6.90
CA TYR E 116 -23.17 -10.31 -7.02
C TYR E 116 -23.24 -9.39 -5.81
N LEU E 117 -23.07 -9.95 -4.61
CA LEU E 117 -23.09 -9.12 -3.42
C LEU E 117 -21.92 -8.15 -3.42
N ALA E 118 -20.76 -8.59 -3.89
CA ALA E 118 -19.59 -7.72 -3.94
C ALA E 118 -19.79 -6.56 -4.91
N VAL E 119 -20.35 -6.84 -6.09
CA VAL E 119 -20.36 -5.85 -7.15
C VAL E 119 -21.63 -5.00 -7.13
N ALA E 120 -22.80 -5.64 -7.07
CA ALA E 120 -24.06 -4.90 -7.07
C ALA E 120 -24.22 -4.07 -5.81
N HIS E 121 -23.76 -4.58 -4.67
CA HIS E 121 -23.90 -3.92 -3.37
C HIS E 121 -22.54 -3.86 -2.68
N PRO E 122 -21.64 -3.00 -3.17
CA PRO E 122 -20.28 -2.99 -2.62
C PRO E 122 -20.21 -2.62 -1.15
N LEU E 123 -21.09 -1.75 -0.68
CA LEU E 123 -21.00 -1.18 0.66
C LEU E 123 -21.96 -1.84 1.64
N ARG E 124 -22.62 -2.92 1.25
CA ARG E 124 -23.59 -3.59 2.10
C ARG E 124 -23.21 -5.05 2.23
N PHE E 125 -23.84 -5.72 3.20
CA PHE E 125 -23.62 -7.15 3.45
C PHE E 125 -22.15 -7.45 3.70
N ALA E 126 -21.53 -6.65 4.55
CA ALA E 126 -20.14 -6.91 4.92
C ALA E 126 -20.02 -8.19 5.74
N ARG E 127 -21.03 -8.49 6.55
CA ARG E 127 -21.01 -9.72 7.34
C ARG E 127 -21.04 -10.96 6.45
N LEU E 128 -21.87 -10.93 5.41
CA LEU E 128 -21.95 -12.07 4.49
C LEU E 128 -20.63 -12.28 3.78
N ARG E 129 -19.97 -11.20 3.38
CA ARG E 129 -18.69 -11.28 2.68
C ARG E 129 -17.56 -11.38 3.69
N ARG E 130 -17.44 -12.56 4.29
CA ARG E 130 -16.40 -12.82 5.27
C ARG E 130 -15.98 -14.28 5.17
N VAL E 131 -14.72 -14.54 5.51
CA VAL E 131 -14.17 -15.90 5.40
C VAL E 131 -14.88 -16.85 6.36
N LYS E 132 -15.25 -16.35 7.53
CA LYS E 132 -16.02 -17.17 8.47
C LYS E 132 -17.38 -17.54 7.88
N THR E 133 -18.05 -16.56 7.28
CA THR E 133 -19.34 -16.85 6.64
C THR E 133 -19.16 -17.77 5.44
N ALA E 134 -18.08 -17.61 4.70
CA ALA E 134 -17.81 -18.50 3.57
C ALA E 134 -17.62 -19.93 4.04
N VAL E 135 -16.88 -20.12 5.14
CA VAL E 135 -16.68 -21.46 5.68
C VAL E 135 -18.00 -22.03 6.17
N ALA E 136 -18.83 -21.20 6.81
CA ALA E 136 -20.13 -21.66 7.27
C ALA E 136 -20.99 -22.11 6.11
N VAL E 137 -21.02 -21.32 5.02
CA VAL E 137 -21.83 -21.66 3.87
C VAL E 137 -21.30 -22.92 3.19
N SER E 138 -19.98 -23.06 3.11
CA SER E 138 -19.38 -24.25 2.50
C SER E 138 -19.73 -25.50 3.31
N SER E 139 -19.62 -25.42 4.63
CA SER E 139 -19.97 -26.55 5.48
C SER E 139 -21.45 -26.91 5.35
N VAL E 140 -22.31 -25.89 5.33
CA VAL E 140 -23.74 -26.13 5.20
C VAL E 140 -24.05 -26.78 3.86
N VAL E 141 -23.42 -26.30 2.79
CA VAL E 141 -23.66 -26.85 1.46
C VAL E 141 -23.21 -28.32 1.40
N TRP E 142 -22.01 -28.60 1.91
CA TRP E 142 -21.53 -29.98 1.93
C TRP E 142 -22.47 -30.87 2.71
N ALA E 143 -22.83 -30.46 3.93
CA ALA E 143 -23.69 -31.28 4.77
C ALA E 143 -25.04 -31.52 4.11
N THR E 144 -25.66 -30.46 3.57
CA THR E 144 -26.99 -30.59 3.00
C THR E 144 -26.96 -31.48 1.77
N GLU E 145 -26.03 -31.24 0.84
CA GLU E 145 -25.97 -32.07 -0.36
C GLU E 145 -25.69 -33.52 -0.02
N LEU E 146 -24.71 -33.76 0.87
CA LEU E 146 -24.34 -35.13 1.21
C LEU E 146 -25.50 -35.86 1.88
N GLY E 147 -26.17 -35.21 2.83
CA GLY E 147 -27.28 -35.85 3.50
C GLY E 147 -28.46 -36.10 2.58
N ALA E 148 -28.75 -35.14 1.70
CA ALA E 148 -29.88 -35.29 0.79
C ALA E 148 -29.62 -36.40 -0.23
N ASN E 149 -28.39 -36.50 -0.72
CA ASN E 149 -28.08 -37.46 -1.77
C ASN E 149 -27.58 -38.80 -1.24
N SER E 150 -27.43 -38.93 0.07
CA SER E 150 -27.00 -40.20 0.66
C SER E 150 -28.16 -41.09 1.08
N ALA E 151 -29.37 -40.78 0.65
CA ALA E 151 -30.50 -41.69 0.89
C ALA E 151 -30.22 -43.09 0.39
N PRO E 152 -29.66 -43.30 -0.81
CA PRO E 152 -29.28 -44.67 -1.19
C PRO E 152 -28.28 -45.31 -0.24
N LEU E 153 -27.34 -44.52 0.28
CA LEU E 153 -26.34 -45.06 1.20
C LEU E 153 -26.97 -45.52 2.50
N PHE E 154 -27.84 -44.69 3.08
CA PHE E 154 -28.45 -45.03 4.36
C PHE E 154 -29.33 -46.28 4.23
N HIS E 155 -30.16 -46.32 3.20
CA HIS E 155 -31.14 -47.39 3.02
C HIS E 155 -30.79 -48.15 1.75
N ASP E 156 -30.35 -49.41 1.93
CA ASP E 156 -30.00 -50.24 0.78
C ASP E 156 -31.21 -50.51 -0.10
N GLU E 157 -32.41 -50.50 0.49
CA GLU E 157 -33.62 -50.73 -0.29
C GLU E 157 -33.82 -49.63 -1.33
N LEU E 158 -33.66 -48.37 -0.92
CA LEU E 158 -33.85 -47.27 -1.87
C LEU E 158 -32.73 -47.23 -2.89
N PHE E 159 -31.52 -47.65 -2.51
CA PHE E 159 -30.45 -47.75 -3.50
C PHE E 159 -30.80 -48.77 -4.56
N ARG E 160 -31.34 -49.92 -4.14
CA ARG E 160 -31.78 -50.92 -5.10
C ARG E 160 -32.82 -50.33 -6.04
N ASP E 161 -33.68 -49.46 -5.52
CA ASP E 161 -34.66 -48.79 -6.37
C ASP E 161 -33.98 -47.84 -7.35
N ARG E 162 -32.95 -47.13 -6.91
CA ARG E 162 -32.27 -46.17 -7.77
C ARG E 162 -31.26 -46.84 -8.69
N TYR E 163 -30.24 -47.45 -8.12
CA TYR E 163 -29.17 -48.04 -8.92
C TYR E 163 -29.25 -49.56 -8.86
N ASN E 164 -29.14 -50.19 -10.03
CA ASN E 164 -29.12 -51.64 -10.07
C ASN E 164 -27.92 -52.19 -9.32
N HIS E 165 -28.17 -53.13 -8.41
CA HIS E 165 -27.11 -53.64 -7.55
C HIS E 165 -26.05 -54.37 -8.36
N THR E 166 -26.39 -54.78 -9.58
CA THR E 166 -25.46 -55.56 -10.39
C THR E 166 -24.37 -54.69 -11.00
N PHE E 167 -24.76 -53.67 -11.76
CA PHE E 167 -23.82 -52.84 -12.51
C PHE E 167 -23.98 -51.36 -12.21
N CYS E 168 -24.39 -51.02 -10.98
CA CYS E 168 -24.69 -49.65 -10.58
C CYS E 168 -25.66 -49.02 -11.57
N PHE E 169 -25.15 -48.09 -12.39
CA PHE E 169 -25.93 -47.38 -13.41
C PHE E 169 -27.17 -46.80 -12.74
N GLU E 170 -28.36 -46.87 -13.37
CA GLU E 170 -29.53 -46.31 -12.72
C GLU E 170 -30.80 -47.14 -12.92
N LYS E 171 -30.70 -48.47 -13.02
CA LYS E 171 -31.87 -49.32 -13.20
C LYS E 171 -32.65 -48.93 -14.46
N PHE E 172 -32.09 -49.27 -15.62
CA PHE E 172 -32.69 -48.97 -16.92
C PHE E 172 -34.21 -48.99 -16.94
N PRO E 173 -34.91 -49.96 -16.34
CA PRO E 173 -36.37 -49.79 -16.15
C PRO E 173 -36.65 -48.85 -14.99
N MET E 174 -37.15 -47.66 -15.30
CA MET E 174 -37.23 -46.59 -14.31
C MET E 174 -38.21 -46.97 -13.19
N GLU E 175 -37.83 -46.64 -11.96
CA GLU E 175 -38.65 -46.97 -10.81
C GLU E 175 -39.63 -45.82 -10.51
N GLY E 176 -40.59 -46.08 -9.64
CA GLY E 176 -41.67 -45.15 -9.38
C GLY E 176 -41.28 -43.84 -8.71
N TRP E 177 -40.91 -43.90 -7.42
CA TRP E 177 -40.56 -42.68 -6.71
C TRP E 177 -39.27 -42.07 -7.25
N VAL E 178 -38.42 -42.90 -7.85
CA VAL E 178 -37.17 -42.37 -8.39
C VAL E 178 -37.44 -41.42 -9.55
N ALA E 179 -38.57 -41.58 -10.24
CA ALA E 179 -38.91 -40.63 -11.29
C ALA E 179 -39.20 -39.24 -10.73
N TRP E 180 -39.96 -39.19 -9.63
CA TRP E 180 -40.20 -37.92 -8.98
C TRP E 180 -38.91 -37.33 -8.40
N MET E 181 -38.05 -38.19 -7.85
CA MET E 181 -36.77 -37.70 -7.34
C MET E 181 -35.90 -37.16 -8.47
N ASN E 182 -36.01 -37.75 -9.67
CA ASN E 182 -35.24 -37.27 -10.81
C ASN E 182 -35.80 -35.94 -11.32
N LEU E 183 -37.12 -35.77 -11.29
CA LEU E 183 -37.69 -34.48 -11.59
C LEU E 183 -37.22 -33.43 -10.58
N TYR E 184 -37.16 -33.82 -9.29
CA TYR E 184 -36.63 -32.93 -8.28
C TYR E 184 -35.19 -32.57 -8.57
N ARG E 185 -34.39 -33.55 -9.01
CA ARG E 185 -33.02 -33.25 -9.41
C ARG E 185 -32.97 -32.23 -10.53
N VAL E 186 -33.68 -32.49 -11.63
CA VAL E 186 -33.59 -31.61 -12.78
C VAL E 186 -34.15 -30.22 -12.47
N PHE E 187 -35.02 -30.10 -11.46
CA PHE E 187 -35.62 -28.80 -11.16
C PHE E 187 -34.94 -28.06 -10.02
N VAL E 188 -34.16 -28.74 -9.17
CA VAL E 188 -33.63 -28.13 -7.96
C VAL E 188 -32.10 -28.17 -7.93
N GLY E 189 -31.48 -29.10 -8.66
CA GLY E 189 -30.04 -29.22 -8.63
C GLY E 189 -29.39 -28.71 -9.89
N PHE E 190 -30.18 -28.50 -10.94
CA PHE E 190 -29.66 -27.82 -12.12
C PHE E 190 -30.37 -26.50 -12.37
N LEU E 191 -31.69 -26.54 -12.53
CA LEU E 191 -32.43 -25.35 -12.96
C LEU E 191 -32.34 -24.23 -11.94
N PHE E 192 -32.65 -24.54 -10.68
CA PHE E 192 -32.62 -23.51 -9.65
C PHE E 192 -31.22 -22.94 -9.43
N PRO E 193 -30.17 -23.74 -9.23
CA PRO E 193 -28.82 -23.14 -9.13
C PRO E 193 -28.39 -22.40 -10.38
N TRP E 194 -28.72 -22.91 -11.56
CA TRP E 194 -28.34 -22.21 -12.78
C TRP E 194 -29.14 -20.93 -12.97
N ALA E 195 -30.41 -20.93 -12.54
CA ALA E 195 -31.18 -19.70 -12.56
C ALA E 195 -30.57 -18.66 -11.63
N LEU E 196 -30.13 -19.09 -10.45
CA LEU E 196 -29.45 -18.16 -9.54
C LEU E 196 -28.15 -17.66 -10.14
N MET E 197 -27.40 -18.53 -10.80
CA MET E 197 -26.20 -18.10 -11.50
C MET E 197 -26.51 -17.03 -12.52
N LEU E 198 -27.54 -17.26 -13.34
CA LEU E 198 -27.90 -16.32 -14.39
C LEU E 198 -28.33 -14.99 -13.80
N LEU E 199 -29.15 -15.02 -12.75
CA LEU E 199 -29.60 -13.78 -12.12
C LEU E 199 -28.44 -13.02 -11.49
N SER E 200 -27.54 -13.74 -10.82
CA SER E 200 -26.39 -13.09 -10.19
C SER E 200 -25.51 -12.42 -11.22
N TYR E 201 -25.25 -13.10 -12.33
CA TYR E 201 -24.37 -12.50 -13.33
C TYR E 201 -25.09 -11.42 -14.14
N ARG E 202 -26.42 -11.50 -14.25
CA ARG E 202 -27.17 -10.39 -14.82
C ARG E 202 -27.06 -9.15 -13.97
N GLY E 203 -27.19 -9.30 -12.65
CA GLY E 203 -27.01 -8.17 -11.76
C GLY E 203 -25.59 -7.65 -11.78
N ILE E 204 -24.62 -8.56 -11.89
CA ILE E 204 -23.22 -8.16 -12.02
C ILE E 204 -23.03 -7.32 -13.26
N LEU E 205 -23.60 -7.76 -14.39
CA LEU E 205 -23.46 -7.02 -15.64
C LEU E 205 -24.15 -5.68 -15.57
N ARG E 206 -25.30 -5.60 -14.90
CA ARG E 206 -25.97 -4.32 -14.71
C ARG E 206 -25.11 -3.37 -13.90
N ALA E 207 -24.52 -3.86 -12.80
CA ALA E 207 -23.67 -3.02 -11.99
C ALA E 207 -22.43 -2.55 -12.75
N VAL E 208 -21.84 -3.45 -13.53
CA VAL E 208 -20.66 -3.08 -14.33
C VAL E 208 -21.04 -2.05 -15.38
N ARG E 209 -22.25 -2.17 -15.94
CA ARG E 209 -22.75 -1.15 -16.86
C ARG E 209 -22.87 0.20 -16.17
N GLY E 210 -23.34 0.18 -14.92
CA GLY E 210 -23.43 1.43 -14.17
C GLY E 210 -22.08 2.02 -13.82
N SER E 211 -21.03 1.21 -13.85
CA SER E 211 -19.70 1.67 -13.47
C SER E 211 -19.17 2.70 -14.46
N VAL E 212 -18.57 3.76 -13.92
CA VAL E 212 -17.95 4.77 -14.77
C VAL E 212 -16.43 4.58 -14.83
N SER E 213 -15.82 4.02 -13.78
CA SER E 213 -14.38 3.81 -13.78
C SER E 213 -13.98 2.77 -14.81
N THR E 214 -14.74 1.69 -14.94
CA THR E 214 -14.39 0.60 -15.84
C THR E 214 -14.64 1.01 -17.28
N GLU E 215 -13.66 0.74 -18.15
CA GLU E 215 -13.77 1.09 -19.55
C GLU E 215 -14.70 0.11 -20.28
N ARG E 216 -15.17 0.54 -21.46
CA ARG E 216 -16.12 -0.27 -22.20
C ARG E 216 -15.50 -1.59 -22.67
N GLN E 217 -14.19 -1.60 -22.90
CA GLN E 217 -13.51 -2.85 -23.24
C GLN E 217 -13.58 -3.83 -22.09
N GLU E 218 -13.32 -3.36 -20.86
CA GLU E 218 -13.37 -4.24 -19.71
C GLU E 218 -14.79 -4.69 -19.41
N LYS E 219 -15.78 -3.83 -19.67
CA LYS E 219 -17.17 -4.25 -19.51
C LYS E 219 -17.50 -5.37 -20.48
N ALA E 220 -17.01 -5.28 -21.72
CA ALA E 220 -17.21 -6.36 -22.68
C ALA E 220 -16.51 -7.63 -22.21
N LYS E 221 -15.32 -7.51 -21.64
CA LYS E 221 -14.61 -8.68 -21.15
C LYS E 221 -15.38 -9.34 -20.01
N ILE E 222 -15.94 -8.53 -19.10
CA ILE E 222 -16.73 -9.08 -18.00
C ILE E 222 -17.97 -9.77 -18.54
N LYS E 223 -18.63 -9.16 -19.53
CA LYS E 223 -19.79 -9.79 -20.14
C LYS E 223 -19.43 -11.13 -20.77
N ARG E 224 -18.29 -11.17 -21.48
CA ARG E 224 -17.87 -12.40 -22.11
C ARG E 224 -17.61 -13.48 -21.08
N LEU E 225 -16.90 -13.14 -20.00
CA LEU E 225 -16.60 -14.13 -18.97
C LEU E 225 -17.87 -14.61 -18.29
N ALA E 226 -18.79 -13.71 -17.98
CA ALA E 226 -20.03 -14.10 -17.31
C ALA E 226 -20.89 -14.98 -18.21
N LEU E 227 -20.99 -14.61 -19.50
CA LEU E 227 -21.74 -15.44 -20.43
C LEU E 227 -21.10 -16.81 -20.60
N SER E 228 -19.77 -16.87 -20.60
CA SER E 228 -19.08 -18.15 -20.66
C SER E 228 -19.42 -19.00 -19.45
N LEU E 229 -19.35 -18.41 -18.25
CA LEU E 229 -19.65 -19.17 -17.03
C LEU E 229 -21.08 -19.67 -17.03
N ILE E 230 -22.03 -18.84 -17.47
CA ILE E 230 -23.43 -19.26 -17.49
C ILE E 230 -23.63 -20.34 -18.54
N ALA E 231 -22.97 -20.21 -19.70
CA ALA E 231 -23.29 -21.06 -20.84
C ALA E 231 -22.60 -22.42 -20.75
N ILE E 232 -21.42 -22.49 -20.15
CA ILE E 232 -20.69 -23.74 -20.19
C ILE E 232 -21.32 -24.73 -19.22
N VAL E 233 -21.88 -24.23 -18.12
CA VAL E 233 -22.65 -25.07 -17.21
C VAL E 233 -23.86 -25.63 -17.94
N LEU E 234 -24.53 -24.79 -18.73
CA LEU E 234 -25.63 -25.26 -19.56
C LEU E 234 -25.17 -26.37 -20.49
N VAL E 235 -24.09 -26.13 -21.23
CA VAL E 235 -23.61 -27.10 -22.20
C VAL E 235 -23.27 -28.42 -21.52
N CYS E 236 -22.64 -28.35 -20.35
CA CYS E 236 -22.17 -29.56 -19.67
C CYS E 236 -23.30 -30.34 -19.00
N PHE E 237 -24.31 -29.66 -18.47
CA PHE E 237 -25.30 -30.33 -17.64
C PHE E 237 -26.69 -30.41 -18.23
N ALA E 238 -27.07 -29.50 -19.12
CA ALA E 238 -28.41 -29.49 -19.70
C ALA E 238 -28.74 -30.74 -20.51
N PRO E 239 -27.86 -31.28 -21.36
CA PRO E 239 -28.21 -32.53 -22.05
C PRO E 239 -28.60 -33.66 -21.11
N TYR E 240 -27.79 -33.90 -20.08
CA TYR E 240 -28.07 -35.00 -19.17
C TYR E 240 -29.34 -34.75 -18.38
N HIS E 241 -29.56 -33.51 -17.94
CA HIS E 241 -30.71 -33.22 -17.10
C HIS E 241 -31.99 -33.19 -17.92
N VAL E 242 -31.92 -32.74 -19.17
CA VAL E 242 -33.10 -32.78 -20.03
C VAL E 242 -33.41 -34.21 -20.42
N LEU E 243 -32.38 -35.04 -20.59
CA LEU E 243 -32.61 -36.47 -20.80
C LEU E 243 -33.29 -37.09 -19.59
N LEU E 244 -32.83 -36.74 -18.38
CA LEU E 244 -33.46 -37.25 -17.18
C LEU E 244 -34.92 -36.82 -17.10
N LEU E 245 -35.18 -35.55 -17.38
CA LEU E 245 -36.54 -35.03 -17.32
C LEU E 245 -37.43 -35.74 -18.32
N SER E 246 -36.95 -35.90 -19.56
CA SER E 246 -37.74 -36.57 -20.58
C SER E 246 -38.01 -38.02 -20.18
N ARG E 247 -36.98 -38.74 -19.73
CA ARG E 247 -37.15 -40.14 -19.37
C ARG E 247 -38.15 -40.30 -18.23
N SER E 248 -37.98 -39.54 -17.15
CA SER E 248 -38.85 -39.69 -16.00
C SER E 248 -40.27 -39.27 -16.32
N ALA E 249 -40.45 -38.14 -17.01
CA ALA E 249 -41.78 -37.68 -17.34
C ALA E 249 -42.49 -38.66 -18.25
N ILE E 250 -41.77 -39.22 -19.24
CA ILE E 250 -42.39 -40.15 -20.17
C ILE E 250 -42.77 -41.44 -19.45
N TYR E 251 -41.91 -41.93 -18.57
CA TYR E 251 -42.25 -43.16 -17.86
C TYR E 251 -43.46 -42.94 -16.96
N LEU E 252 -43.51 -41.80 -16.27
CA LEU E 252 -44.66 -41.49 -15.43
C LEU E 252 -45.94 -41.37 -16.25
N GLY E 253 -45.85 -40.73 -17.41
CA GLY E 253 -47.03 -40.57 -18.23
C GLY E 253 -47.37 -41.81 -19.03
N ARG E 254 -46.38 -42.38 -19.71
CA ARG E 254 -46.56 -43.53 -20.59
C ARG E 254 -45.54 -44.60 -20.21
N PRO E 255 -45.79 -45.34 -19.11
CA PRO E 255 -44.83 -46.36 -18.69
C PRO E 255 -44.65 -47.49 -19.69
N TRP E 256 -45.62 -47.68 -20.60
CA TRP E 256 -45.51 -48.77 -21.56
C TRP E 256 -44.43 -48.51 -22.61
N ASP E 257 -43.97 -47.26 -22.74
CA ASP E 257 -42.95 -46.92 -23.70
C ASP E 257 -41.64 -47.62 -23.36
N CYS E 258 -41.16 -48.46 -24.25
CA CYS E 258 -39.93 -49.22 -24.05
C CYS E 258 -38.89 -48.97 -25.13
N GLY E 259 -39.33 -48.83 -26.39
CA GLY E 259 -38.37 -48.54 -27.45
C GLY E 259 -37.68 -47.21 -27.27
N PHE E 260 -38.45 -46.19 -26.87
CA PHE E 260 -37.87 -44.88 -26.60
C PHE E 260 -36.83 -44.95 -25.49
N GLU E 261 -37.15 -45.67 -24.42
CA GLU E 261 -36.22 -45.75 -23.28
C GLU E 261 -34.92 -46.41 -23.68
N GLU E 262 -34.99 -47.52 -24.42
CA GLU E 262 -33.78 -48.19 -24.88
C GLU E 262 -33.01 -47.32 -25.87
N ARG E 263 -33.71 -46.60 -26.74
CA ARG E 263 -33.06 -45.71 -27.69
C ARG E 263 -32.30 -44.61 -26.98
N VAL E 264 -32.91 -44.01 -25.95
CA VAL E 264 -32.30 -42.87 -25.27
C VAL E 264 -31.40 -43.26 -24.11
N PHE E 265 -31.31 -44.55 -23.79
CA PHE E 265 -30.35 -44.97 -22.77
C PHE E 265 -28.92 -44.64 -23.19
N SER E 266 -28.62 -44.80 -24.48
CA SER E 266 -27.29 -44.46 -24.98
C SER E 266 -27.02 -42.97 -24.80
N ALA E 267 -28.00 -42.14 -25.14
CA ALA E 267 -27.85 -40.70 -24.94
C ALA E 267 -27.70 -40.37 -23.47
N TYR E 268 -28.40 -41.10 -22.60
CA TYR E 268 -28.30 -40.87 -21.17
C TYR E 268 -26.88 -41.15 -20.67
N HIS E 269 -26.29 -42.25 -21.12
CA HIS E 269 -24.93 -42.56 -20.69
C HIS E 269 -23.93 -41.58 -21.27
N SER E 270 -24.09 -41.22 -22.55
CA SER E 270 -23.18 -40.24 -23.14
C SER E 270 -23.28 -38.89 -22.44
N SER E 271 -24.48 -38.51 -22.03
CA SER E 271 -24.65 -37.26 -21.30
C SER E 271 -24.07 -37.34 -19.89
N LEU E 272 -24.21 -38.51 -19.24
CA LEU E 272 -23.50 -38.74 -17.99
C LEU E 272 -22.02 -38.47 -18.16
N ALA E 273 -21.43 -38.98 -19.24
CA ALA E 273 -20.02 -38.74 -19.51
C ALA E 273 -19.75 -37.26 -19.75
N PHE E 274 -20.60 -36.60 -20.54
CA PHE E 274 -20.38 -35.20 -20.88
C PHE E 274 -20.48 -34.30 -19.66
N THR E 275 -21.22 -34.73 -18.64
CA THR E 275 -21.32 -33.96 -17.40
C THR E 275 -19.95 -33.72 -16.79
N SER E 276 -19.03 -34.67 -16.95
CA SER E 276 -17.74 -34.57 -16.29
C SER E 276 -16.85 -33.48 -16.88
N LEU E 277 -17.30 -32.80 -17.94
CA LEU E 277 -16.53 -31.69 -18.50
C LEU E 277 -16.40 -30.52 -17.53
N ASN E 278 -17.29 -30.40 -16.55
CA ASN E 278 -17.21 -29.27 -15.64
C ASN E 278 -16.00 -29.37 -14.72
N CYS E 279 -15.54 -30.59 -14.43
CA CYS E 279 -14.35 -30.76 -13.61
C CYS E 279 -13.11 -30.20 -14.29
N VAL E 280 -13.18 -29.93 -15.59
CA VAL E 280 -12.10 -29.31 -16.33
C VAL E 280 -12.44 -27.84 -16.55
N ALA E 281 -13.73 -27.58 -16.76
CA ALA E 281 -14.18 -26.22 -17.05
C ALA E 281 -13.97 -25.30 -15.87
N ASP E 282 -14.39 -25.71 -14.69
CA ASP E 282 -14.36 -24.90 -13.48
C ASP E 282 -12.95 -24.44 -13.12
N PRO E 283 -11.95 -25.34 -13.06
CA PRO E 283 -10.59 -24.86 -12.77
C PRO E 283 -10.11 -23.84 -13.78
N ILE E 284 -10.28 -24.12 -15.08
CA ILE E 284 -9.88 -23.16 -16.10
C ILE E 284 -10.63 -21.85 -15.92
N LEU E 285 -11.96 -21.89 -16.03
CA LEU E 285 -12.75 -20.67 -16.08
C LEU E 285 -12.75 -19.89 -14.77
N TYR E 286 -12.25 -20.47 -13.68
CA TYR E 286 -12.27 -19.77 -12.40
C TYR E 286 -10.87 -19.44 -11.87
N CYS E 287 -9.83 -20.06 -12.40
CA CYS E 287 -8.48 -19.69 -12.00
C CYS E 287 -7.62 -19.24 -13.17
N LEU E 288 -7.61 -20.04 -14.24
CA LEU E 288 -6.60 -19.88 -15.29
C LEU E 288 -6.89 -18.66 -16.16
N VAL E 289 -8.17 -18.36 -16.37
CA VAL E 289 -8.53 -17.24 -17.25
C VAL E 289 -8.05 -15.93 -16.66
N ASN E 290 -8.16 -15.77 -15.34
CA ASN E 290 -7.76 -14.52 -14.71
C ASN E 290 -6.24 -14.39 -14.68
N GLU E 291 -5.75 -13.18 -14.94
CA GLU E 291 -4.31 -12.96 -14.97
C GLU E 291 -3.69 -13.05 -13.59
N GLY E 292 -4.44 -12.66 -12.55
CA GLY E 292 -3.89 -12.69 -11.21
C GLY E 292 -3.58 -14.10 -10.73
N ALA E 293 -4.54 -15.02 -10.91
CA ALA E 293 -4.33 -16.39 -10.47
C ALA E 293 -3.27 -17.09 -11.31
N ARG E 294 -3.24 -16.78 -12.61
CA ARG E 294 -2.20 -17.32 -13.47
C ARG E 294 -0.82 -16.83 -13.03
N SER E 295 -0.72 -15.55 -12.66
CA SER E 295 0.53 -15.01 -12.16
C SER E 295 0.94 -15.67 -10.85
N ASP E 296 -0.03 -15.93 -9.97
CA ASP E 296 0.27 -16.64 -8.73
C ASP E 296 0.78 -18.05 -9.03
N VAL E 297 0.16 -18.73 -9.99
CA VAL E 297 0.62 -20.07 -10.37
C VAL E 297 2.04 -20.02 -10.92
N ALA E 298 2.33 -19.02 -11.76
CA ALA E 298 3.67 -18.86 -12.30
C ALA E 298 4.68 -18.58 -11.19
N LYS E 299 4.28 -17.78 -10.19
CA LYS E 299 5.15 -17.53 -9.04
C LYS E 299 5.43 -18.81 -8.28
N ALA E 300 4.41 -19.66 -8.12
CA ALA E 300 4.63 -20.96 -7.51
C ALA E 300 5.57 -21.81 -8.34
#